data_7E9J
#
_entry.id   7E9J
#
_cell.length_a   96.129
_cell.length_b   106.233
_cell.length_c   132.359
_cell.angle_alpha   90.000
_cell.angle_beta   90.000
_cell.angle_gamma   90.000
#
_symmetry.space_group_name_H-M   'P 21 21 21'
#
loop_
_entity.id
_entity.type
_entity.pdbx_description
1 polymer 'Protein O-linked-mannose beta-1,4-N-acetylglucosaminyltransferase 2'
2 non-polymer 2-acetamido-2-deoxy-beta-D-glucopyranose
3 non-polymer "URIDINE-5'-DIPHOSPHATE"
4 non-polymer 2-AMINO-2-HYDROXYMETHYL-PROPANE-1,3-DIOL
5 water water
#
_entity_poly.entity_id   1
_entity_poly.type   'polypeptide(L)'
_entity_poly.pdbx_seq_one_letter_code
;GAPPAPALRIDYPKALQILTEGGTHMVCTGRTHTDRLCRFKWLCYSSEAEEFIFFHGNASVMLPSLGSRRFQPALLDLST
VEDHNTQYFNFVELPAAALRFMPKPVFVPDVALIANRFNPDNLMHVFHDDLLPLFYTLRQFPGLAREARLFFMEGWGEGA
HFDLYKLLSPKQPLLRAQLKALGRLLCFSHAFVGLSKVTTWYQYGFVQPQGPKANILVSGNEIRQFAHFLMEKLNVSQAG
GPLGEEYILVFSRTQNRLILNEAELLLALAQEFQMKTVTVSLEDHAFADVVRLVSNASMLVSMHGAQLVTALFLPRGAAV
VELFPYAVNPDHYTPYKTLATLPGMDLQYIAWQNTMPENTVTHPERPWDQGGIAHLDRAEQARILQSREVPRHLCCRNPE
WLFRIYQDTKVDIPSLIQTIRRVVKGHPGPRKQKWTVSLYPGKVREARCQASVQGASEARLSVSWQIPWNLKYLKVREVK
YEVWLQEQGENTYVPYMLALQNHTFTENIKPFTTYLVWIRCIFNKTLLGPFADVLVCST
;
_entity_poly.pdbx_strand_id   A,B
#
# COMPACT_ATOMS: atom_id res chain seq x y z
N ASP A 11 22.22 -15.75 25.17
CA ASP A 11 21.67 -14.43 24.91
C ASP A 11 20.22 -14.33 25.35
N TYR A 12 19.73 -15.37 26.05
CA TYR A 12 18.34 -15.37 26.47
C TYR A 12 18.03 -14.28 27.49
N PRO A 13 18.80 -14.06 28.55
CA PRO A 13 18.46 -12.98 29.47
C PRO A 13 18.43 -11.60 28.83
N LYS A 14 19.26 -11.37 27.81
CA LYS A 14 19.23 -10.08 27.12
C LYS A 14 17.97 -9.96 26.26
N ALA A 15 17.58 -11.03 25.59
CA ALA A 15 16.36 -10.99 24.77
C ALA A 15 15.12 -10.87 25.63
N LEU A 16 15.05 -11.62 26.73
CA LEU A 16 13.91 -11.53 27.63
C LEU A 16 13.79 -10.13 28.24
N GLN A 17 14.92 -9.49 28.51
CA GLN A 17 14.89 -8.15 29.08
C GLN A 17 14.34 -7.14 28.08
N ILE A 18 14.80 -7.21 26.82
CA ILE A 18 14.31 -6.31 25.79
C ILE A 18 12.80 -6.50 25.58
N LEU A 19 12.35 -7.75 25.59
CA LEU A 19 10.94 -8.04 25.38
C LEU A 19 10.10 -7.56 26.56
N THR A 20 10.54 -7.81 27.79
CA THR A 20 9.74 -7.46 28.96
C THR A 20 9.74 -5.96 29.23
N GLU A 21 10.83 -5.28 28.93
CA GLU A 21 10.89 -3.83 29.16
C GLU A 21 10.30 -3.05 27.99
N GLY A 22 10.70 -3.40 26.77
CA GLY A 22 10.33 -2.62 25.60
C GLY A 22 9.05 -3.05 24.93
N GLY A 23 8.79 -4.36 24.86
CA GLY A 23 7.58 -4.85 24.23
C GLY A 23 7.69 -4.95 22.71
N THR A 24 6.51 -5.05 22.07
CA THR A 24 6.41 -5.32 20.65
C THR A 24 6.47 -4.03 19.84
N HIS A 25 7.19 -4.10 18.71
CA HIS A 25 7.37 -2.98 17.80
C HIS A 25 6.84 -3.38 16.42
N MET A 26 5.97 -2.55 15.83
CA MET A 26 5.31 -2.91 14.58
C MET A 26 5.30 -1.74 13.61
N VAL A 27 5.92 -1.93 12.45
CA VAL A 27 5.95 -0.95 11.35
C VAL A 27 5.39 -1.62 10.11
N CYS A 28 4.34 -1.03 9.52
CA CYS A 28 3.63 -1.62 8.40
C CYS A 28 3.40 -0.60 7.27
N THR A 29 3.49 -1.06 6.04
CA THR A 29 3.15 -0.30 4.85
C THR A 29 1.65 -0.36 4.58
N GLY A 30 1.17 0.59 3.78
CA GLY A 30 -0.19 0.51 3.29
C GLY A 30 -1.24 1.16 4.15
N ARG A 31 -2.21 1.82 3.52
CA ARG A 31 -3.28 2.51 4.23
C ARG A 31 -4.56 1.68 4.34
N THR A 32 -4.58 0.49 3.76
CA THR A 32 -5.69 -0.45 3.91
C THR A 32 -5.14 -1.83 4.24
N HIS A 33 -6.02 -2.69 4.74
CA HIS A 33 -5.59 -4.02 5.18
C HIS A 33 -5.30 -4.95 4.01
N THR A 34 -5.92 -4.71 2.86
CA THR A 34 -5.68 -5.53 1.67
C THR A 34 -4.36 -5.22 0.98
N ASP A 35 -3.58 -4.29 1.51
CA ASP A 35 -2.36 -3.85 0.84
C ASP A 35 -1.30 -3.53 1.87
N ARG A 36 -1.07 -4.45 2.80
CA ARG A 36 -0.29 -4.17 4.01
C ARG A 36 0.75 -5.26 4.24
N LEU A 37 1.99 -4.83 4.47
CA LEU A 37 3.07 -5.70 4.92
C LEU A 37 3.61 -5.13 6.23
N CYS A 38 3.84 -6.00 7.21
CA CYS A 38 4.23 -5.59 8.55
C CYS A 38 5.62 -6.11 8.91
N ARG A 39 6.43 -5.23 9.49
CA ARG A 39 7.67 -5.60 10.14
C ARG A 39 7.46 -5.56 11.64
N PHE A 40 7.69 -6.70 12.31
CA PHE A 40 7.54 -6.81 13.76
C PHE A 40 8.89 -7.04 14.41
N LYS A 41 9.01 -6.56 15.65
CA LYS A 41 10.07 -6.97 16.55
C LYS A 41 9.43 -7.33 17.89
N TRP A 42 9.77 -8.51 18.41
CA TRP A 42 9.21 -9.00 19.67
C TRP A 42 7.69 -9.16 19.56
N LEU A 43 7.23 -9.64 18.41
CA LEU A 43 5.88 -10.18 18.30
C LEU A 43 5.86 -11.59 18.87
N CYS A 44 4.81 -11.91 19.62
CA CYS A 44 4.70 -13.18 20.31
C CYS A 44 3.46 -13.94 19.87
N TYR A 45 3.44 -15.22 20.23
CA TYR A 45 2.41 -16.13 19.78
C TYR A 45 2.16 -17.14 20.88
N SER A 46 0.90 -17.29 21.27
CA SER A 46 0.48 -18.34 22.19
C SER A 46 0.06 -19.56 21.38
N SER A 47 0.74 -20.68 21.59
CA SER A 47 0.39 -21.89 20.86
C SER A 47 -0.84 -22.56 21.43
N GLU A 48 -1.19 -22.26 22.69
CA GLU A 48 -2.42 -22.79 23.27
C GLU A 48 -3.64 -22.08 22.70
N ALA A 49 -3.60 -20.75 22.63
CA ALA A 49 -4.71 -19.98 22.09
C ALA A 49 -4.65 -19.83 20.58
N GLU A 50 -3.52 -20.15 19.96
CA GLU A 50 -3.29 -19.90 18.55
C GLU A 50 -3.57 -18.43 18.22
N GLU A 51 -2.92 -17.55 18.97
CA GLU A 51 -3.10 -16.12 18.86
C GLU A 51 -1.75 -15.44 18.91
N PHE A 52 -1.52 -14.51 18.00
CA PHE A 52 -0.35 -13.65 18.08
C PHE A 52 -0.58 -12.57 19.11
N ILE A 53 0.50 -12.14 19.76
CA ILE A 53 0.43 -11.24 20.90
C ILE A 53 1.29 -10.02 20.66
N PHE A 54 0.69 -8.83 20.81
CA PHE A 54 1.41 -7.58 20.88
C PHE A 54 1.56 -7.19 22.35
N PHE A 55 2.80 -7.03 22.80
CA PHE A 55 3.10 -6.64 24.18
C PHE A 55 3.42 -5.15 24.25
N HIS A 56 2.61 -4.40 24.99
CA HIS A 56 2.84 -2.97 25.14
C HIS A 56 3.94 -2.75 26.18
N GLY A 57 5.08 -2.20 25.74
CA GLY A 57 6.15 -1.84 26.65
C GLY A 57 6.57 -0.39 26.45
N ASN A 58 7.69 0.01 27.03
CA ASN A 58 8.06 1.42 27.01
C ASN A 58 8.69 1.85 25.69
N ALA A 59 8.92 0.92 24.75
CA ALA A 59 9.44 1.23 23.43
C ALA A 59 8.49 0.75 22.32
N SER A 60 7.26 0.41 22.66
CA SER A 60 6.36 -0.18 21.69
C SER A 60 5.87 0.85 20.69
N VAL A 61 5.78 0.44 19.42
CA VAL A 61 5.28 1.28 18.34
C VAL A 61 4.28 0.45 17.56
N MET A 62 3.17 1.08 17.16
CA MET A 62 2.13 0.39 16.40
C MET A 62 1.71 1.28 15.23
N LEU A 63 2.28 1.01 14.06
CA LEU A 63 1.99 1.77 12.84
C LEU A 63 1.50 0.84 11.75
N PRO A 64 0.23 0.92 11.34
CA PRO A 64 -0.73 1.93 11.79
C PRO A 64 -1.31 1.66 13.18
N SER A 65 -1.74 2.72 13.85
CA SER A 65 -2.45 2.61 15.13
C SER A 65 -3.91 2.88 14.81
N LEU A 66 -4.71 1.80 14.78
CA LEU A 66 -6.05 1.86 14.19
C LEU A 66 -7.16 1.96 15.22
N GLY A 67 -6.85 1.85 16.51
CA GLY A 67 -7.92 1.83 17.50
C GLY A 67 -8.82 0.64 17.25
N SER A 68 -10.13 0.84 17.42
CA SER A 68 -11.09 -0.22 17.17
C SER A 68 -11.23 -0.52 15.68
N ARG A 69 -10.72 0.37 14.81
CA ARG A 69 -10.70 0.06 13.38
C ARG A 69 -9.75 -1.08 13.02
N ARG A 70 -9.02 -1.63 13.98
CA ARG A 70 -8.19 -2.81 13.72
C ARG A 70 -9.02 -4.08 13.58
N PHE A 71 -10.31 -4.04 13.93
CA PHE A 71 -11.20 -5.18 13.74
C PHE A 71 -12.24 -4.92 12.65
N GLN A 72 -11.96 -3.98 11.75
CA GLN A 72 -12.88 -3.61 10.68
C GLN A 72 -12.16 -3.60 9.34
N PRO A 73 -11.76 -4.79 8.84
CA PRO A 73 -12.02 -6.12 9.40
C PRO A 73 -10.89 -6.67 10.26
N ALA A 74 -9.64 -6.34 9.94
CA ALA A 74 -8.47 -6.89 10.61
C ALA A 74 -7.25 -6.04 10.25
N LEU A 75 -6.07 -6.50 10.66
CA LEU A 75 -4.85 -5.75 10.40
C LEU A 75 -4.37 -5.90 8.95
N LEU A 76 -4.29 -7.13 8.46
CA LEU A 76 -3.85 -7.38 7.09
C LEU A 76 -4.34 -8.75 6.64
N ASP A 77 -4.28 -8.97 5.32
CA ASP A 77 -4.54 -10.29 4.75
C ASP A 77 -3.31 -11.18 4.92
N LEU A 78 -3.52 -12.39 5.46
CA LEU A 78 -2.41 -13.32 5.60
C LEU A 78 -2.14 -14.11 4.32
N SER A 79 -3.11 -14.16 3.40
CA SER A 79 -2.92 -14.74 2.09
C SER A 79 -3.06 -13.66 1.04
N THR A 80 -2.72 -14.02 -0.20
CA THR A 80 -2.87 -13.06 -1.30
C THR A 80 -4.26 -13.03 -1.88
N VAL A 81 -5.21 -13.76 -1.30
CA VAL A 81 -6.60 -13.65 -1.73
C VAL A 81 -7.20 -12.45 -1.01
N GLU A 82 -7.68 -11.48 -1.79
CA GLU A 82 -8.06 -10.19 -1.23
C GLU A 82 -9.24 -10.31 -0.28
N ASP A 83 -9.04 -9.89 0.96
CA ASP A 83 -10.13 -9.67 1.93
C ASP A 83 -10.90 -10.97 2.20
N HIS A 84 -10.20 -12.10 2.20
CA HIS A 84 -10.84 -13.38 2.51
C HIS A 84 -11.03 -13.48 4.02
N ASN A 85 -12.28 -13.63 4.46
CA ASN A 85 -12.62 -13.46 5.87
C ASN A 85 -12.17 -14.63 6.75
N THR A 86 -11.51 -15.65 6.20
CA THR A 86 -10.88 -16.68 7.01
C THR A 86 -9.35 -16.61 6.93
N GLN A 87 -8.82 -15.58 6.28
CA GLN A 87 -7.38 -15.46 6.06
C GLN A 87 -6.81 -14.18 6.67
N TYR A 88 -7.54 -13.56 7.59
CA TYR A 88 -7.09 -12.33 8.23
C TYR A 88 -5.99 -12.59 9.24
N PHE A 89 -5.17 -11.58 9.47
CA PHE A 89 -4.19 -11.57 10.55
C PHE A 89 -4.58 -10.51 11.57
N ASN A 90 -4.37 -10.83 12.84
CA ASN A 90 -4.52 -9.86 13.91
C ASN A 90 -3.80 -10.39 15.14
N PHE A 91 -3.78 -9.60 16.20
CA PHE A 91 -3.20 -10.01 17.45
C PHE A 91 -4.11 -9.56 18.59
N VAL A 92 -3.92 -10.16 19.75
CA VAL A 92 -4.49 -9.65 20.99
C VAL A 92 -3.41 -8.83 21.68
N GLU A 93 -3.83 -7.89 22.50
CA GLU A 93 -2.92 -6.99 23.18
C GLU A 93 -2.81 -7.34 24.66
N LEU A 94 -1.62 -7.11 25.21
CA LEU A 94 -1.35 -7.30 26.63
C LEU A 94 -0.27 -6.32 27.04
N PRO A 95 -0.23 -5.92 28.32
CA PRO A 95 0.93 -5.19 28.81
C PRO A 95 2.14 -6.11 28.88
N ALA A 96 3.31 -5.55 28.60
CA ALA A 96 4.54 -6.33 28.74
C ALA A 96 4.66 -6.93 30.13
N ALA A 97 4.14 -6.24 31.15
CA ALA A 97 4.24 -6.75 32.53
C ALA A 97 3.39 -7.99 32.74
N ALA A 98 2.41 -8.23 31.87
CA ALA A 98 1.59 -9.44 32.00
C ALA A 98 2.40 -10.71 31.82
N LEU A 99 3.63 -10.61 31.28
CA LEU A 99 4.50 -11.78 31.18
C LEU A 99 4.85 -12.37 32.54
N ARG A 100 4.70 -11.60 33.62
CA ARG A 100 4.95 -12.13 34.96
C ARG A 100 4.04 -13.29 35.31
N PHE A 101 2.88 -13.39 34.68
CA PHE A 101 1.90 -14.43 34.97
C PHE A 101 1.84 -15.49 33.89
N MET A 102 2.76 -15.47 32.93
CA MET A 102 2.74 -16.34 31.77
C MET A 102 3.89 -17.33 31.80
N PRO A 103 3.86 -18.35 30.94
CA PRO A 103 5.05 -19.20 30.80
C PRO A 103 6.24 -18.40 30.30
N LYS A 104 7.43 -18.90 30.61
CA LYS A 104 8.64 -18.29 30.07
C LYS A 104 8.61 -18.38 28.55
N PRO A 105 8.88 -17.30 27.83
CA PRO A 105 8.83 -17.36 26.37
C PRO A 105 9.98 -18.18 25.81
N VAL A 106 9.73 -18.79 24.65
CA VAL A 106 10.75 -19.46 23.86
C VAL A 106 10.99 -18.62 22.62
N PHE A 107 12.21 -18.07 22.49
CA PHE A 107 12.53 -17.19 21.38
C PHE A 107 12.89 -18.01 20.15
N VAL A 108 12.35 -17.61 19.01
CA VAL A 108 12.78 -18.21 17.74
C VAL A 108 13.98 -17.42 17.23
N PRO A 109 15.06 -18.09 16.85
CA PRO A 109 16.28 -17.35 16.46
C PRO A 109 16.19 -16.75 15.07
N ASP A 110 15.54 -17.45 14.15
CA ASP A 110 15.50 -17.02 12.76
C ASP A 110 14.55 -15.83 12.59
N VAL A 111 14.87 -14.98 11.62
CA VAL A 111 13.90 -14.00 11.13
C VAL A 111 12.78 -14.76 10.41
N ALA A 112 11.55 -14.34 10.63
CA ALA A 112 10.38 -15.08 10.18
C ALA A 112 9.61 -14.30 9.13
N LEU A 113 9.11 -15.02 8.12
CA LEU A 113 8.07 -14.51 7.23
C LEU A 113 6.82 -15.33 7.51
N ILE A 114 5.75 -14.64 7.91
CA ILE A 114 4.53 -15.26 8.38
C ILE A 114 3.44 -15.04 7.35
N ALA A 115 2.81 -16.13 6.89
CA ALA A 115 1.82 -16.03 5.83
C ALA A 115 0.92 -17.25 5.87
N ASN A 116 -0.21 -17.14 5.16
CA ASN A 116 -1.12 -18.25 4.96
C ASN A 116 -1.05 -18.71 3.51
N ARG A 117 -1.01 -20.02 3.31
CA ARG A 117 -1.17 -20.62 2.00
C ARG A 117 -2.66 -20.83 1.74
N PHE A 118 -3.15 -20.32 0.61
CA PHE A 118 -4.60 -20.34 0.40
C PHE A 118 -5.13 -21.74 0.15
N ASN A 119 -4.40 -22.56 -0.61
CA ASN A 119 -4.79 -23.95 -0.83
C ASN A 119 -3.59 -24.77 -1.27
N PRO A 120 -2.81 -25.30 -0.36
CA PRO A 120 -1.56 -25.98 -0.74
C PRO A 120 -1.76 -27.31 -1.45
N ASP A 121 -3.00 -27.65 -1.81
CA ASP A 121 -3.28 -28.88 -2.54
C ASP A 121 -3.56 -28.66 -4.02
N ASN A 122 -3.65 -27.41 -4.47
CA ASN A 122 -3.97 -27.09 -5.85
C ASN A 122 -2.77 -26.38 -6.47
N LEU A 123 -2.24 -26.95 -7.56
CA LEU A 123 -1.02 -26.42 -8.17
C LEU A 123 -1.19 -24.98 -8.61
N MET A 124 -2.38 -24.63 -9.11
CA MET A 124 -2.62 -23.24 -9.51
C MET A 124 -2.61 -22.32 -8.29
N HIS A 125 -3.35 -22.69 -7.24
CA HIS A 125 -3.33 -21.90 -6.01
C HIS A 125 -1.93 -21.81 -5.44
N VAL A 126 -1.17 -22.91 -5.46
CA VAL A 126 0.18 -22.92 -4.92
C VAL A 126 1.04 -21.88 -5.62
N PHE A 127 1.01 -21.87 -6.95
CA PHE A 127 1.91 -20.99 -7.70
C PHE A 127 1.43 -19.54 -7.65
N HIS A 128 0.15 -19.31 -7.92
CA HIS A 128 -0.36 -17.96 -8.06
C HIS A 128 -0.55 -17.28 -6.70
N ASP A 129 -1.03 -18.01 -5.70
CA ASP A 129 -1.30 -17.39 -4.41
C ASP A 129 -0.09 -17.36 -3.49
N ASP A 130 0.81 -18.35 -3.59
CA ASP A 130 1.86 -18.53 -2.59
C ASP A 130 3.27 -18.39 -3.17
N LEU A 131 3.65 -19.21 -4.14
CA LEU A 131 5.06 -19.29 -4.54
C LEU A 131 5.56 -17.99 -5.14
N LEU A 132 4.84 -17.44 -6.11
CA LEU A 132 5.24 -16.16 -6.69
C LEU A 132 5.21 -15.03 -5.66
N PRO A 133 4.14 -14.83 -4.88
CA PRO A 133 4.21 -13.79 -3.84
C PRO A 133 5.31 -14.04 -2.81
N LEU A 134 5.52 -15.28 -2.39
CA LEU A 134 6.59 -15.56 -1.44
C LEU A 134 7.95 -15.13 -2.02
N PHE A 135 8.18 -15.43 -3.30
CA PHE A 135 9.46 -15.13 -3.92
C PHE A 135 9.77 -13.64 -3.86
N TYR A 136 8.79 -12.80 -4.19
CA TYR A 136 9.04 -11.36 -4.26
C TYR A 136 8.75 -10.62 -2.96
N THR A 137 7.92 -11.18 -2.07
CA THR A 137 7.79 -10.57 -0.74
C THR A 137 9.08 -10.72 0.04
N LEU A 138 9.75 -11.88 -0.09
CA LEU A 138 11.07 -12.05 0.51
C LEU A 138 12.05 -11.00 0.01
N ARG A 139 11.99 -10.67 -1.28
CA ARG A 139 12.92 -9.71 -1.85
C ARG A 139 12.49 -8.27 -1.63
N GLN A 140 11.33 -8.05 -1.00
CA GLN A 140 10.92 -6.69 -0.66
C GLN A 140 11.76 -6.11 0.47
N PHE A 141 12.31 -6.97 1.34
CA PHE A 141 13.04 -6.53 2.52
C PHE A 141 14.45 -7.12 2.54
N PRO A 142 15.47 -6.33 2.87
CA PRO A 142 16.84 -6.84 2.85
C PRO A 142 17.03 -7.97 3.85
N GLY A 143 17.79 -8.99 3.44
CA GLY A 143 18.15 -10.08 4.29
C GLY A 143 17.18 -11.25 4.33
N LEU A 144 15.92 -11.04 3.92
CA LEU A 144 14.92 -12.09 4.05
C LEU A 144 15.20 -13.27 3.14
N ALA A 145 15.57 -13.00 1.88
CA ALA A 145 15.70 -14.08 0.91
C ALA A 145 16.72 -15.13 1.34
N ARG A 146 17.72 -14.75 2.14
CA ARG A 146 18.74 -15.68 2.57
C ARG A 146 18.59 -16.14 4.02
N GLU A 147 17.88 -15.38 4.85
CA GLU A 147 17.81 -15.65 6.28
C GLU A 147 16.44 -16.14 6.75
N ALA A 148 15.38 -15.89 6.00
CA ALA A 148 14.04 -16.09 6.53
C ALA A 148 13.69 -17.57 6.62
N ARG A 149 13.04 -17.94 7.72
CA ARG A 149 12.34 -19.20 7.83
C ARG A 149 10.84 -18.91 7.70
N LEU A 150 10.18 -19.64 6.82
CA LEU A 150 8.77 -19.39 6.56
C LEU A 150 7.90 -20.08 7.60
N PHE A 151 6.84 -19.39 8.02
CA PHE A 151 5.87 -19.91 8.99
C PHE A 151 4.51 -19.87 8.33
N PHE A 152 3.96 -21.04 8.02
CA PHE A 152 2.66 -21.15 7.36
C PHE A 152 1.60 -21.37 8.44
N MET A 153 0.71 -20.39 8.60
CA MET A 153 -0.19 -20.33 9.74
C MET A 153 -1.64 -20.68 9.38
N GLU A 154 -1.89 -21.18 8.17
CA GLU A 154 -3.26 -21.38 7.72
C GLU A 154 -3.89 -22.64 8.30
N GLY A 155 -3.09 -23.58 8.79
CA GLY A 155 -3.61 -24.74 9.48
C GLY A 155 -3.73 -26.02 8.66
N TRP A 156 -3.24 -26.03 7.42
CA TRP A 156 -3.26 -27.25 6.63
C TRP A 156 -1.93 -27.98 6.77
N GLY A 157 -1.95 -29.27 6.44
CA GLY A 157 -0.74 -30.05 6.42
C GLY A 157 0.22 -29.60 5.32
N GLU A 158 1.26 -30.41 5.13
CA GLU A 158 2.24 -30.11 4.09
C GLU A 158 1.57 -29.95 2.73
N GLY A 159 0.69 -30.88 2.38
CA GLY A 159 0.05 -30.87 1.08
C GLY A 159 0.91 -31.54 0.03
N ALA A 160 0.32 -31.70 -1.15
CA ALA A 160 0.94 -32.50 -2.21
C ALA A 160 2.15 -31.82 -2.86
N HIS A 161 2.36 -30.54 -2.63
CA HIS A 161 3.41 -29.78 -3.30
C HIS A 161 4.37 -29.12 -2.32
N PHE A 162 4.55 -29.74 -1.14
CA PHE A 162 5.33 -29.07 -0.10
C PHE A 162 6.80 -28.92 -0.50
N ASP A 163 7.31 -29.81 -1.36
CA ASP A 163 8.69 -29.65 -1.81
C ASP A 163 8.88 -28.41 -2.67
N LEU A 164 7.81 -27.91 -3.29
CA LEU A 164 7.92 -26.63 -4.00
C LEU A 164 8.14 -25.49 -3.01
N TYR A 165 7.36 -25.46 -1.93
CA TYR A 165 7.56 -24.45 -0.89
C TYR A 165 8.98 -24.49 -0.34
N LYS A 166 9.57 -25.68 -0.24
CA LYS A 166 10.92 -25.80 0.30
C LYS A 166 11.96 -25.16 -0.60
N LEU A 167 11.65 -24.97 -1.87
CA LEU A 167 12.64 -24.40 -2.80
C LEU A 167 12.86 -22.92 -2.57
N LEU A 168 11.86 -22.24 -2.00
CA LEU A 168 11.94 -20.79 -1.86
C LEU A 168 12.74 -20.34 -0.65
N SER A 169 12.96 -21.22 0.33
CA SER A 169 13.71 -20.84 1.52
C SER A 169 14.87 -21.80 1.74
N PRO A 170 15.98 -21.31 2.28
CA PRO A 170 17.06 -22.22 2.69
C PRO A 170 16.80 -22.93 4.01
N LYS A 171 15.81 -22.49 4.78
CA LYS A 171 15.47 -23.10 6.05
C LYS A 171 14.12 -23.80 5.94
N GLN A 172 14.01 -24.93 6.65
CA GLN A 172 12.79 -25.72 6.60
C GLN A 172 11.60 -24.91 7.08
N PRO A 173 10.54 -24.81 6.29
CA PRO A 173 9.36 -24.07 6.75
C PRO A 173 8.70 -24.78 7.92
N LEU A 174 7.95 -24.00 8.70
CA LEU A 174 7.21 -24.53 9.84
C LEU A 174 5.72 -24.37 9.63
N LEU A 175 4.96 -25.36 10.09
CA LEU A 175 3.51 -25.30 10.09
C LEU A 175 2.99 -24.93 11.48
N ARG A 176 1.80 -24.34 11.50
CA ARG A 176 1.20 -23.91 12.77
C ARG A 176 1.14 -25.05 13.77
N ALA A 177 0.79 -26.26 13.31
CA ALA A 177 0.69 -27.41 14.22
C ALA A 177 2.04 -27.74 14.84
N GLN A 178 3.14 -27.43 14.16
CA GLN A 178 4.47 -27.69 14.69
C GLN A 178 4.89 -26.69 15.76
N LEU A 179 4.17 -25.57 15.90
CA LEU A 179 4.60 -24.54 16.85
C LEU A 179 4.34 -24.95 18.29
N LYS A 180 3.31 -25.75 18.54
CA LYS A 180 2.93 -26.10 19.92
C LYS A 180 3.97 -26.99 20.57
N ALA A 181 4.71 -27.74 19.78
CA ALA A 181 5.82 -28.53 20.30
C ALA A 181 7.05 -27.69 20.62
N LEU A 182 7.10 -26.46 20.11
CA LEU A 182 8.24 -25.58 20.37
C LEU A 182 8.10 -24.82 21.68
N GLY A 183 6.90 -24.69 22.20
CA GLY A 183 6.66 -23.99 23.44
C GLY A 183 5.24 -23.46 23.50
N ARG A 184 4.79 -23.17 24.72
CA ARG A 184 3.46 -22.61 24.91
C ARG A 184 3.42 -21.14 24.52
N LEU A 185 4.50 -20.41 24.74
CA LEU A 185 4.60 -19.01 24.35
C LEU A 185 5.84 -18.85 23.49
N LEU A 186 5.66 -18.44 22.24
CA LEU A 186 6.73 -18.20 21.30
C LEU A 186 6.79 -16.71 20.96
N CYS A 187 8.01 -16.16 20.93
CA CYS A 187 8.27 -14.75 20.65
C CYS A 187 9.27 -14.62 19.51
N PHE A 188 8.89 -13.93 18.45
CA PHE A 188 9.77 -13.70 17.32
C PHE A 188 10.55 -12.41 17.56
N SER A 189 11.89 -12.51 17.64
CA SER A 189 12.69 -11.30 17.76
C SER A 189 12.60 -10.41 16.52
N HIS A 190 12.26 -11.00 15.37
CA HIS A 190 12.17 -10.27 14.11
C HIS A 190 11.25 -11.07 13.18
N ALA A 191 10.15 -10.47 12.76
CA ALA A 191 9.17 -11.21 11.97
C ALA A 191 8.50 -10.29 10.98
N PHE A 192 8.29 -10.79 9.77
CA PHE A 192 7.53 -10.09 8.75
C PHE A 192 6.23 -10.85 8.50
N VAL A 193 5.15 -10.12 8.31
CA VAL A 193 3.81 -10.70 8.20
C VAL A 193 3.16 -10.17 6.94
N GLY A 194 2.55 -11.06 6.17
CA GLY A 194 1.84 -10.71 4.97
C GLY A 194 2.61 -11.09 3.71
N LEU A 195 1.89 -11.08 2.60
CA LEU A 195 2.43 -11.34 1.27
C LEU A 195 1.93 -10.27 0.33
N SER A 196 2.83 -9.77 -0.53
CA SER A 196 2.43 -8.75 -1.48
C SER A 196 1.55 -9.35 -2.57
N LYS A 197 0.59 -8.57 -3.07
CA LYS A 197 -0.32 -8.98 -4.13
C LYS A 197 0.15 -8.53 -5.51
N VAL A 198 1.43 -8.17 -5.63
CA VAL A 198 1.88 -7.49 -6.85
C VAL A 198 1.98 -8.46 -8.02
N THR A 199 2.20 -9.75 -7.75
CA THR A 199 2.31 -10.74 -8.83
C THR A 199 0.99 -11.41 -9.20
N THR A 200 -0.09 -11.15 -8.47
CA THR A 200 -1.35 -11.84 -8.76
C THR A 200 -1.98 -11.31 -10.05
N TRP A 201 -2.69 -12.20 -10.75
CA TRP A 201 -3.37 -11.82 -11.98
C TRP A 201 -4.81 -12.28 -12.06
N TYR A 202 -5.32 -12.97 -11.03
CA TYR A 202 -6.64 -13.59 -11.12
C TYR A 202 -7.31 -13.54 -9.76
N GLN A 203 -8.63 -13.32 -9.76
CA GLN A 203 -9.44 -13.39 -8.56
C GLN A 203 -10.51 -14.46 -8.75
N TYR A 204 -10.82 -15.18 -7.67
CA TYR A 204 -11.52 -16.46 -7.74
C TYR A 204 -13.03 -16.34 -7.56
N GLY A 205 -13.57 -15.13 -7.56
CA GLY A 205 -15.01 -14.99 -7.65
C GLY A 205 -15.77 -14.96 -6.35
N PHE A 206 -15.19 -14.35 -5.31
CA PHE A 206 -15.92 -14.26 -4.04
C PHE A 206 -16.93 -13.11 -4.05
N VAL A 207 -16.56 -11.97 -4.61
CA VAL A 207 -17.44 -10.81 -4.66
C VAL A 207 -18.24 -10.83 -5.96
N GLN A 208 -17.54 -10.71 -7.08
CA GLN A 208 -18.10 -10.83 -8.42
C GLN A 208 -17.59 -12.11 -9.08
N PRO A 209 -18.20 -12.56 -10.18
CA PRO A 209 -17.72 -13.79 -10.82
C PRO A 209 -16.23 -13.76 -11.12
N GLN A 210 -15.61 -14.94 -11.11
CA GLN A 210 -14.17 -15.03 -11.26
C GLN A 210 -13.74 -14.51 -12.61
N GLY A 211 -12.48 -14.07 -12.68
CA GLY A 211 -11.93 -13.47 -13.88
C GLY A 211 -10.61 -12.83 -13.58
N PRO A 212 -10.04 -12.13 -14.57
CA PRO A 212 -8.78 -11.43 -14.35
C PRO A 212 -8.97 -10.31 -13.33
N LYS A 213 -7.94 -10.08 -12.53
CA LYS A 213 -8.03 -8.97 -11.58
C LYS A 213 -7.92 -7.65 -12.34
N ALA A 214 -8.50 -6.60 -11.76
CA ALA A 214 -8.78 -5.39 -12.53
C ALA A 214 -7.51 -4.69 -12.99
N ASN A 215 -6.52 -4.56 -12.10
CA ASN A 215 -5.29 -3.81 -12.39
CA ASN A 215 -5.29 -3.82 -12.40
C ASN A 215 -4.10 -4.74 -12.13
N ILE A 216 -3.71 -5.49 -13.15
CA ILE A 216 -2.59 -6.42 -13.02
C ILE A 216 -1.28 -5.63 -13.02
N LEU A 217 -0.44 -5.89 -12.01
CA LEU A 217 0.79 -5.14 -11.81
C LEU A 217 2.05 -5.94 -12.13
N VAL A 218 1.90 -7.09 -12.80
CA VAL A 218 3.03 -7.98 -13.07
C VAL A 218 3.06 -8.28 -14.56
N SER A 219 4.27 -8.44 -15.10
CA SER A 219 4.47 -8.80 -16.50
C SER A 219 5.12 -10.16 -16.60
N GLY A 220 5.24 -10.65 -17.84
CA GLY A 220 5.86 -11.95 -18.05
C GLY A 220 7.32 -11.99 -17.64
N ASN A 221 8.02 -10.86 -17.72
CA ASN A 221 9.43 -10.83 -17.31
C ASN A 221 9.59 -11.24 -15.86
N GLU A 222 8.73 -10.72 -14.98
CA GLU A 222 8.84 -11.08 -13.57
C GLU A 222 8.36 -12.50 -13.33
N ILE A 223 7.37 -12.95 -14.10
CA ILE A 223 7.00 -14.37 -14.08
C ILE A 223 8.19 -15.23 -14.46
N ARG A 224 8.89 -14.85 -15.55
CA ARG A 224 9.96 -15.69 -16.06
C ARG A 224 11.20 -15.66 -15.18
N GLN A 225 11.48 -14.52 -14.53
CA GLN A 225 12.59 -14.48 -13.57
C GLN A 225 12.31 -15.41 -12.40
N PHE A 226 11.05 -15.55 -11.99
CA PHE A 226 10.70 -16.51 -10.96
C PHE A 226 10.87 -17.93 -11.47
N ALA A 227 10.33 -18.23 -12.66
CA ALA A 227 10.46 -19.55 -13.23
C ALA A 227 11.92 -19.93 -13.45
N HIS A 228 12.76 -18.95 -13.79
CA HIS A 228 14.18 -19.23 -13.97
C HIS A 228 14.83 -19.62 -12.66
N PHE A 229 14.44 -18.96 -11.57
CA PHE A 229 14.95 -19.33 -10.25
C PHE A 229 14.55 -20.75 -9.88
N LEU A 230 13.27 -21.07 -10.08
CA LEU A 230 12.79 -22.42 -9.75
C LEU A 230 13.44 -23.48 -10.62
N MET A 231 13.72 -23.15 -11.89
CA MET A 231 14.36 -24.13 -12.76
C MET A 231 15.77 -24.43 -12.28
N GLU A 232 16.48 -23.43 -11.77
CA GLU A 232 17.82 -23.66 -11.24
C GLU A 232 17.76 -24.48 -9.96
N LYS A 233 16.80 -24.18 -9.07
CA LYS A 233 16.63 -24.94 -7.84
C LYS A 233 16.20 -26.38 -8.12
N LEU A 234 15.56 -26.63 -9.26
CA LEU A 234 15.16 -27.97 -9.67
C LEU A 234 16.17 -28.63 -10.59
N ASN A 235 17.36 -28.05 -10.74
CA ASN A 235 18.39 -28.57 -11.63
C ASN A 235 17.85 -28.78 -13.05
N VAL A 236 17.21 -27.74 -13.57
CA VAL A 236 16.71 -27.76 -14.93
C VAL A 236 17.35 -26.65 -15.77
N GLU A 245 13.83 -32.05 -32.94
CA GLU A 245 13.91 -32.13 -31.49
C GLU A 245 12.74 -31.40 -30.83
N GLU A 246 12.14 -30.48 -31.56
CA GLU A 246 11.00 -29.74 -31.03
C GLU A 246 9.76 -30.63 -30.99
N TYR A 247 8.91 -30.40 -30.00
CA TYR A 247 7.82 -31.31 -29.74
C TYR A 247 6.61 -30.58 -29.19
N ILE A 248 5.44 -31.16 -29.45
CA ILE A 248 4.18 -30.74 -28.84
C ILE A 248 3.96 -31.59 -27.61
N LEU A 249 3.53 -30.96 -26.52
CA LEU A 249 3.34 -31.63 -25.24
C LEU A 249 1.88 -31.58 -24.84
N VAL A 250 1.30 -32.76 -24.54
CA VAL A 250 -0.07 -32.89 -24.06
C VAL A 250 -0.03 -33.17 -22.57
N PHE A 251 -0.67 -32.31 -21.78
CA PHE A 251 -0.67 -32.40 -20.32
C PHE A 251 -1.97 -33.06 -19.88
N SER A 252 -1.92 -34.37 -19.63
CA SER A 252 -3.10 -35.18 -19.34
C SER A 252 -3.39 -35.22 -17.84
N ARG A 253 -4.64 -35.55 -17.53
CA ARG A 253 -5.10 -35.83 -16.18
C ARG A 253 -5.50 -37.30 -16.09
N THR A 254 -5.20 -37.94 -14.96
CA THR A 254 -5.46 -39.37 -14.83
C THR A 254 -6.70 -39.69 -13.99
N GLN A 255 -7.14 -38.80 -13.11
CA GLN A 255 -8.24 -39.10 -12.20
C GLN A 255 -9.58 -38.59 -12.70
N ASN A 256 -9.69 -37.30 -12.98
CA ASN A 256 -10.96 -36.72 -13.43
C ASN A 256 -10.67 -35.66 -14.48
N ARG A 257 -11.74 -35.17 -15.10
CA ARG A 257 -11.67 -34.20 -16.20
C ARG A 257 -10.76 -34.72 -17.31
N LEU A 258 -11.09 -35.92 -17.79
CA LEU A 258 -10.19 -36.65 -18.65
C LEU A 258 -10.35 -36.24 -20.11
N ILE A 259 -9.34 -36.58 -20.90
CA ILE A 259 -9.42 -36.60 -22.35
C ILE A 259 -9.64 -38.04 -22.76
N LEU A 260 -10.79 -38.34 -23.36
CA LEU A 260 -11.18 -39.72 -23.62
C LEU A 260 -10.55 -40.29 -24.89
N ASN A 261 -10.19 -39.43 -25.85
CA ASN A 261 -9.54 -39.90 -27.06
C ASN A 261 -8.12 -39.37 -27.14
N GLU A 262 -7.36 -39.60 -26.06
CA GLU A 262 -6.00 -39.08 -25.97
C GLU A 262 -5.10 -39.66 -27.06
N ALA A 263 -5.25 -40.96 -27.34
CA ALA A 263 -4.43 -41.58 -28.37
C ALA A 263 -4.72 -40.97 -29.75
N GLU A 264 -5.99 -40.69 -30.02
CA GLU A 264 -6.35 -40.06 -31.29
C GLU A 264 -5.84 -38.62 -31.35
N LEU A 265 -5.84 -37.92 -30.21
CA LEU A 265 -5.38 -36.54 -30.19
C LEU A 265 -3.89 -36.45 -30.51
N LEU A 266 -3.09 -37.35 -29.95
CA LEU A 266 -1.64 -37.29 -30.16
C LEU A 266 -1.27 -37.57 -31.61
N LEU A 267 -1.91 -38.57 -32.22
CA LEU A 267 -1.59 -38.89 -33.61
C LEU A 267 -1.99 -37.75 -34.54
N ALA A 268 -3.13 -37.11 -34.27
CA ALA A 268 -3.58 -36.03 -35.14
C ALA A 268 -2.69 -34.80 -35.02
N LEU A 269 -2.33 -34.41 -33.79
CA LEU A 269 -1.46 -33.25 -33.60
C LEU A 269 -0.10 -33.47 -34.25
N ALA A 270 0.45 -34.69 -34.13
CA ALA A 270 1.70 -35.01 -34.78
C ALA A 270 1.59 -34.91 -36.30
N GLN A 271 0.46 -35.33 -36.86
CA GLN A 271 0.27 -35.27 -38.30
C GLN A 271 0.01 -33.85 -38.79
N GLU A 272 -0.69 -33.04 -37.99
CA GLU A 272 -1.06 -31.70 -38.44
C GLU A 272 0.12 -30.75 -38.44
N PHE A 273 1.00 -30.87 -37.45
CA PHE A 273 2.12 -29.94 -37.29
C PHE A 273 3.47 -30.56 -37.63
N GLN A 274 3.49 -31.84 -38.02
CA GLN A 274 4.73 -32.54 -38.38
C GLN A 274 5.77 -32.44 -37.27
N MET A 275 5.35 -32.78 -36.05
CA MET A 275 6.22 -32.71 -34.89
C MET A 275 5.92 -33.87 -33.96
N LYS A 276 6.92 -34.21 -33.14
CA LYS A 276 6.72 -35.21 -32.11
C LYS A 276 5.72 -34.70 -31.08
N THR A 277 4.84 -35.58 -30.61
CA THR A 277 3.88 -35.25 -29.58
C THR A 277 4.12 -36.15 -28.37
N VAL A 278 4.29 -35.53 -27.21
CA VAL A 278 4.63 -36.23 -25.98
C VAL A 278 3.56 -35.97 -24.94
N THR A 279 3.36 -36.94 -24.05
CA THR A 279 2.39 -36.85 -22.97
C THR A 279 3.11 -36.73 -21.63
N VAL A 280 2.60 -35.85 -20.76
CA VAL A 280 3.07 -35.71 -19.39
C VAL A 280 1.86 -35.57 -18.48
N SER A 281 2.07 -35.90 -17.20
CA SER A 281 1.03 -35.79 -16.18
C SER A 281 1.70 -35.55 -14.84
N LEU A 282 1.00 -34.82 -13.97
CA LEU A 282 1.50 -34.57 -12.63
C LEU A 282 1.67 -35.84 -11.81
N GLU A 283 0.93 -36.89 -12.15
CA GLU A 283 0.92 -38.11 -11.34
C GLU A 283 2.12 -39.01 -11.64
N ASP A 284 2.51 -39.14 -12.91
CA ASP A 284 3.47 -40.14 -13.33
C ASP A 284 4.88 -39.59 -13.51
N HIS A 285 5.13 -38.33 -13.15
CA HIS A 285 6.43 -37.72 -13.35
C HIS A 285 6.79 -36.85 -12.17
N ALA A 286 8.06 -36.94 -11.74
CA ALA A 286 8.58 -36.01 -10.76
C ALA A 286 8.48 -34.58 -11.31
N PHE A 287 8.21 -33.63 -10.41
CA PHE A 287 7.88 -32.28 -10.87
C PHE A 287 9.04 -31.64 -11.63
N ALA A 288 10.28 -31.94 -11.24
CA ALA A 288 11.42 -31.45 -12.00
C ALA A 288 11.38 -31.96 -13.45
N ASP A 289 10.95 -33.20 -13.64
CA ASP A 289 10.79 -33.71 -15.01
C ASP A 289 9.60 -33.06 -15.71
N VAL A 290 8.55 -32.72 -14.96
CA VAL A 290 7.44 -31.98 -15.56
C VAL A 290 7.91 -30.64 -16.08
N VAL A 291 8.66 -29.89 -15.26
CA VAL A 291 9.17 -28.59 -15.69
C VAL A 291 10.10 -28.76 -16.88
N ARG A 292 10.96 -29.78 -16.83
CA ARG A 292 11.90 -30.01 -17.93
C ARG A 292 11.19 -30.25 -19.25
N LEU A 293 10.13 -31.06 -19.23
CA LEU A 293 9.36 -31.28 -20.46
C LEU A 293 8.67 -30.01 -20.94
N VAL A 294 8.06 -29.26 -20.02
CA VAL A 294 7.35 -28.05 -20.41
C VAL A 294 8.31 -26.98 -20.92
N SER A 295 9.50 -26.89 -20.30
CA SER A 295 10.41 -25.79 -20.56
C SER A 295 10.91 -25.74 -22.00
N ASN A 296 10.83 -26.86 -22.73
CA ASN A 296 11.29 -26.90 -24.12
C ASN A 296 10.21 -27.38 -25.07
N ALA A 297 8.95 -27.17 -24.70
CA ALA A 297 7.83 -27.57 -25.53
C ALA A 297 7.40 -26.41 -26.43
N SER A 298 7.18 -26.71 -27.71
CA SER A 298 6.73 -25.68 -28.63
C SER A 298 5.24 -25.40 -28.48
N MET A 299 4.48 -26.33 -27.90
CA MET A 299 3.04 -26.17 -27.75
C MET A 299 2.60 -27.01 -26.57
N LEU A 300 1.70 -26.46 -25.76
CA LEU A 300 1.14 -27.14 -24.60
C LEU A 300 -0.37 -27.29 -24.78
N VAL A 301 -0.83 -28.54 -24.88
CA VAL A 301 -2.24 -28.86 -25.00
C VAL A 301 -2.70 -29.50 -23.70
N SER A 302 -3.78 -28.99 -23.13
CA SER A 302 -4.23 -29.54 -21.86
C SER A 302 -5.66 -29.11 -21.58
N MET A 303 -6.39 -30.01 -20.93
CA MET A 303 -7.67 -29.64 -20.32
C MET A 303 -7.48 -28.52 -19.32
N HIS A 304 -8.46 -27.62 -19.26
CA HIS A 304 -8.46 -26.58 -18.24
C HIS A 304 -8.33 -27.20 -16.86
N GLY A 305 -7.35 -26.73 -16.10
CA GLY A 305 -7.09 -27.30 -14.78
C GLY A 305 -5.78 -26.79 -14.22
N ALA A 306 -5.57 -27.14 -12.94
CA ALA A 306 -4.45 -26.60 -12.18
C ALA A 306 -3.12 -26.83 -12.87
N GLN A 307 -2.96 -27.98 -13.54
CA GLN A 307 -1.68 -28.29 -14.19
C GLN A 307 -1.29 -27.25 -15.23
N LEU A 308 -2.25 -26.49 -15.76
CA LEU A 308 -1.93 -25.52 -16.79
C LEU A 308 -1.17 -24.30 -16.26
N VAL A 309 -1.07 -24.13 -14.94
CA VAL A 309 -0.25 -23.04 -14.42
C VAL A 309 1.22 -23.27 -14.77
N THR A 310 1.60 -24.52 -15.05
CA THR A 310 2.97 -24.78 -15.44
C THR A 310 3.35 -24.12 -16.76
N ALA A 311 2.37 -23.51 -17.45
CA ALA A 311 2.65 -22.80 -18.69
C ALA A 311 3.65 -21.66 -18.49
N LEU A 312 3.80 -21.16 -17.26
CA LEU A 312 4.80 -20.11 -17.01
C LEU A 312 6.22 -20.59 -17.28
N PHE A 313 6.44 -21.90 -17.40
CA PHE A 313 7.74 -22.42 -17.78
C PHE A 313 7.91 -22.56 -19.29
N LEU A 314 6.84 -22.37 -20.06
CA LEU A 314 6.95 -22.49 -21.51
C LEU A 314 7.93 -21.46 -22.05
N PRO A 315 8.69 -21.78 -23.09
CA PRO A 315 9.54 -20.78 -23.71
C PRO A 315 8.71 -19.75 -24.46
N ARG A 316 9.22 -18.51 -24.48
CA ARG A 316 8.57 -17.45 -25.25
C ARG A 316 8.38 -17.90 -26.69
N GLY A 317 7.15 -17.72 -27.20
CA GLY A 317 6.80 -18.13 -28.54
C GLY A 317 6.00 -19.41 -28.62
N ALA A 318 5.96 -20.19 -27.55
CA ALA A 318 5.16 -21.41 -27.55
C ALA A 318 3.68 -21.08 -27.47
N ALA A 319 2.85 -22.08 -27.75
CA ALA A 319 1.41 -21.91 -27.77
C ALA A 319 0.76 -22.71 -26.64
N VAL A 320 -0.26 -22.11 -26.03
CA VAL A 320 -1.08 -22.76 -25.03
C VAL A 320 -2.42 -23.08 -25.67
N VAL A 321 -2.80 -24.35 -25.68
CA VAL A 321 -4.07 -24.80 -26.23
C VAL A 321 -4.88 -25.33 -25.04
N GLU A 322 -5.85 -24.55 -24.58
CA GLU A 322 -6.68 -24.93 -23.44
C GLU A 322 -8.00 -25.50 -23.92
N LEU A 323 -8.34 -26.69 -23.42
CA LEU A 323 -9.58 -27.37 -23.78
C LEU A 323 -10.60 -27.23 -22.67
N PHE A 324 -11.85 -26.95 -23.06
CA PHE A 324 -12.90 -26.77 -22.07
C PHE A 324 -14.00 -27.79 -22.27
N PRO A 325 -14.55 -28.33 -21.18
CA PRO A 325 -15.62 -29.33 -21.29
C PRO A 325 -16.93 -28.70 -21.73
N TYR A 326 -17.90 -29.56 -22.01
CA TYR A 326 -19.20 -29.13 -22.50
C TYR A 326 -19.85 -28.14 -21.52
N ALA A 327 -20.46 -27.09 -22.09
CA ALA A 327 -21.20 -26.05 -21.38
C ALA A 327 -20.30 -25.11 -20.57
N VAL A 328 -18.99 -25.22 -20.70
CA VAL A 328 -18.07 -24.35 -19.96
C VAL A 328 -17.52 -23.31 -20.93
N ASN A 329 -17.99 -22.08 -20.80
CA ASN A 329 -17.58 -21.01 -21.69
C ASN A 329 -16.15 -20.61 -21.39
N PRO A 330 -15.23 -20.69 -22.35
CA PRO A 330 -13.84 -20.29 -22.06
C PRO A 330 -13.70 -18.83 -21.66
N ASP A 331 -14.62 -17.97 -22.08
CA ASP A 331 -14.54 -16.56 -21.72
C ASP A 331 -14.77 -16.31 -20.24
N HIS A 332 -15.36 -17.27 -19.52
CA HIS A 332 -15.72 -17.09 -18.12
C HIS A 332 -14.69 -17.65 -17.15
N TYR A 333 -13.75 -18.46 -17.63
CA TYR A 333 -12.80 -19.17 -16.77
C TYR A 333 -11.41 -19.01 -17.36
N THR A 334 -10.80 -17.88 -17.05
CA THR A 334 -9.62 -17.42 -17.76
C THR A 334 -8.34 -17.28 -16.95
N PRO A 335 -8.08 -18.08 -15.90
CA PRO A 335 -6.80 -17.91 -15.19
C PRO A 335 -5.60 -18.23 -16.06
N TYR A 336 -5.71 -19.26 -16.90
CA TYR A 336 -4.58 -19.63 -17.75
C TYR A 336 -4.53 -18.78 -19.01
N LYS A 337 -5.69 -18.35 -19.53
CA LYS A 337 -5.68 -17.37 -20.61
C LYS A 337 -4.99 -16.08 -20.18
N THR A 338 -5.31 -15.60 -18.96
CA THR A 338 -4.71 -14.36 -18.47
C THR A 338 -3.19 -14.51 -18.31
N LEU A 339 -2.74 -15.63 -17.75
CA LEU A 339 -1.31 -15.87 -17.62
C LEU A 339 -0.62 -15.89 -18.98
N ALA A 340 -1.21 -16.60 -19.94
CA ALA A 340 -0.56 -16.79 -21.24
C ALA A 340 -0.50 -15.50 -22.03
N THR A 341 -1.47 -14.60 -21.84
CA THR A 341 -1.53 -13.36 -22.60
C THR A 341 -1.00 -12.15 -21.83
N LEU A 342 -0.32 -12.38 -20.72
CA LEU A 342 0.32 -11.29 -20.02
C LEU A 342 1.34 -10.62 -20.94
N PRO A 343 1.39 -9.29 -20.97
CA PRO A 343 2.48 -8.62 -21.70
C PRO A 343 3.83 -9.07 -21.15
N GLY A 344 4.72 -9.46 -22.06
CA GLY A 344 6.01 -10.00 -21.71
C GLY A 344 6.06 -11.52 -21.64
N MET A 345 4.91 -12.19 -21.59
CA MET A 345 4.93 -13.65 -21.59
C MET A 345 5.26 -14.21 -22.96
N ASP A 346 4.84 -13.51 -24.03
CA ASP A 346 5.10 -13.92 -25.40
C ASP A 346 4.63 -15.35 -25.66
N LEU A 347 3.38 -15.62 -25.33
CA LEU A 347 2.77 -16.91 -25.51
C LEU A 347 1.49 -16.77 -26.34
N GLN A 348 1.27 -17.71 -27.24
CA GLN A 348 0.03 -17.78 -27.98
C GLN A 348 -1.00 -18.55 -27.18
N TYR A 349 -2.24 -18.06 -27.17
CA TYR A 349 -3.31 -18.71 -26.44
C TYR A 349 -4.42 -19.14 -27.39
N ILE A 350 -4.78 -20.41 -27.36
CA ILE A 350 -5.88 -20.96 -28.13
C ILE A 350 -6.83 -21.65 -27.15
N ALA A 351 -8.11 -21.27 -27.22
CA ALA A 351 -9.15 -21.88 -26.39
C ALA A 351 -10.07 -22.73 -27.26
N TRP A 352 -10.32 -23.95 -26.83
CA TRP A 352 -11.24 -24.85 -27.52
C TRP A 352 -12.25 -25.39 -26.52
N GLN A 353 -13.51 -25.43 -26.95
CA GLN A 353 -14.61 -25.86 -26.09
C GLN A 353 -15.38 -26.98 -26.77
N ASN A 354 -15.72 -28.02 -26.01
CA ASN A 354 -16.57 -29.07 -26.53
C ASN A 354 -18.00 -28.54 -26.65
N THR A 355 -18.52 -28.54 -27.87
CA THR A 355 -19.88 -28.06 -28.14
C THR A 355 -20.78 -29.16 -28.65
N MET A 356 -20.36 -30.41 -28.52
CA MET A 356 -21.15 -31.54 -28.99
C MET A 356 -21.55 -32.39 -27.78
N PRO A 357 -22.83 -32.43 -27.41
CA PRO A 357 -23.22 -33.18 -26.20
C PRO A 357 -22.89 -34.66 -26.27
N GLU A 358 -22.87 -35.25 -27.47
CA GLU A 358 -22.53 -36.67 -27.58
C GLU A 358 -21.07 -36.95 -27.26
N ASN A 359 -20.24 -35.92 -27.12
CA ASN A 359 -18.82 -36.11 -26.81
C ASN A 359 -18.47 -35.77 -25.38
N THR A 360 -19.48 -35.51 -24.54
CA THR A 360 -19.25 -35.25 -23.12
C THR A 360 -19.75 -36.43 -22.30
N VAL A 361 -19.05 -36.73 -21.21
CA VAL A 361 -19.45 -37.79 -20.29
C VAL A 361 -19.74 -37.16 -18.94
N THR A 362 -20.94 -37.41 -18.44
CA THR A 362 -21.47 -36.84 -17.22
C THR A 362 -21.33 -37.82 -16.07
N HIS A 363 -21.09 -37.30 -14.87
CA HIS A 363 -20.93 -38.12 -13.66
C HIS A 363 -21.87 -37.63 -12.58
N PRO A 364 -23.19 -37.87 -12.73
CA PRO A 364 -24.17 -37.23 -11.84
C PRO A 364 -24.37 -37.94 -10.52
N GLU A 365 -24.00 -39.21 -10.40
CA GLU A 365 -24.15 -39.96 -9.15
C GLU A 365 -22.92 -39.86 -8.26
N ARG A 366 -22.12 -38.82 -8.43
CA ARG A 366 -21.01 -38.56 -7.53
C ARG A 366 -21.51 -37.77 -6.32
N PRO A 367 -20.78 -37.82 -5.21
CA PRO A 367 -21.12 -36.94 -4.08
C PRO A 367 -20.92 -35.48 -4.48
N TRP A 368 -21.67 -34.60 -3.82
CA TRP A 368 -21.70 -33.18 -4.19
C TRP A 368 -20.31 -32.58 -4.34
N ASP A 369 -19.33 -33.08 -3.57
CA ASP A 369 -18.01 -32.48 -3.55
C ASP A 369 -17.32 -32.59 -4.91
N GLN A 370 -17.56 -33.68 -5.64
CA GLN A 370 -16.87 -33.95 -6.90
C GLN A 370 -17.78 -33.72 -8.10
N GLY A 371 -18.72 -32.79 -8.00
CA GLY A 371 -19.76 -32.67 -9.00
C GLY A 371 -20.93 -33.56 -8.65
N GLY A 372 -21.69 -33.94 -9.68
CA GLY A 372 -22.82 -34.82 -9.44
C GLY A 372 -24.00 -34.09 -8.84
N ILE A 373 -25.21 -34.46 -9.25
CA ILE A 373 -26.39 -33.68 -8.94
C ILE A 373 -27.48 -34.56 -8.36
N ALA A 374 -27.11 -35.79 -7.97
CA ALA A 374 -28.11 -36.72 -7.45
C ALA A 374 -28.69 -36.27 -6.11
N HIS A 375 -27.99 -35.41 -5.37
CA HIS A 375 -28.46 -34.97 -4.06
C HIS A 375 -29.47 -33.83 -4.13
N LEU A 376 -29.57 -33.15 -5.26
CA LEU A 376 -30.57 -32.11 -5.42
C LEU A 376 -31.88 -32.71 -5.93
N ASP A 377 -32.95 -31.92 -5.83
CA ASP A 377 -34.27 -32.41 -6.22
C ASP A 377 -34.35 -32.62 -7.73
N ARG A 378 -35.37 -33.37 -8.15
CA ARG A 378 -35.50 -33.75 -9.56
C ARG A 378 -35.75 -32.55 -10.46
N ALA A 379 -36.29 -31.45 -9.93
CA ALA A 379 -36.58 -30.28 -10.76
C ALA A 379 -35.29 -29.56 -11.15
N GLU A 380 -34.38 -29.35 -10.19
CA GLU A 380 -33.13 -28.68 -10.51
C GLU A 380 -32.21 -29.56 -11.35
N GLN A 381 -32.33 -30.89 -11.20
CA GLN A 381 -31.51 -31.79 -12.01
C GLN A 381 -31.85 -31.65 -13.49
N ALA A 382 -33.14 -31.59 -13.83
CA ALA A 382 -33.54 -31.39 -15.21
C ALA A 382 -33.07 -30.03 -15.73
N ARG A 383 -33.16 -29.00 -14.89
CA ARG A 383 -32.72 -27.67 -15.30
C ARG A 383 -31.23 -27.66 -15.63
N ILE A 384 -30.44 -28.38 -14.84
CA ILE A 384 -29.00 -28.46 -15.09
C ILE A 384 -28.72 -29.20 -16.40
N LEU A 385 -29.37 -30.36 -16.59
CA LEU A 385 -29.09 -31.17 -17.77
C LEU A 385 -29.50 -30.47 -19.05
N GLN A 386 -30.49 -29.59 -18.99
CA GLN A 386 -30.92 -28.84 -20.17
C GLN A 386 -30.05 -27.60 -20.42
N SER A 387 -29.38 -27.09 -19.40
CA SER A 387 -28.58 -25.88 -19.56
C SER A 387 -27.32 -26.18 -20.36
N ARG A 388 -27.11 -25.43 -21.43
CA ARG A 388 -25.96 -25.63 -22.30
C ARG A 388 -24.83 -24.64 -22.02
N GLU A 389 -24.91 -23.90 -20.92
CA GLU A 389 -23.81 -23.03 -20.50
C GLU A 389 -23.95 -22.75 -19.01
N VAL A 390 -22.90 -23.02 -18.25
CA VAL A 390 -22.88 -22.73 -16.83
C VAL A 390 -23.07 -21.24 -16.63
N PRO A 391 -24.14 -20.81 -15.96
CA PRO A 391 -24.35 -19.37 -15.75
C PRO A 391 -23.26 -18.76 -14.87
N ARG A 392 -23.19 -17.44 -14.91
CA ARG A 392 -22.28 -16.73 -14.02
C ARG A 392 -22.66 -16.99 -12.57
N HIS A 393 -21.63 -17.16 -11.73
CA HIS A 393 -21.84 -17.59 -10.37
C HIS A 393 -20.68 -17.11 -9.51
N LEU A 394 -20.86 -17.23 -8.20
CA LEU A 394 -19.82 -16.88 -7.24
C LEU A 394 -19.22 -18.15 -6.63
N CYS A 395 -18.04 -17.99 -6.04
CA CYS A 395 -17.38 -19.09 -5.34
C CYS A 395 -18.25 -19.54 -4.17
N CYS A 396 -18.19 -20.84 -3.85
CA CYS A 396 -17.21 -21.79 -4.39
C CYS A 396 -17.79 -23.11 -4.89
N ARG A 397 -18.98 -23.48 -4.43
CA ARG A 397 -19.51 -24.81 -4.75
C ARG A 397 -20.81 -24.73 -5.55
N ASN A 398 -20.83 -23.93 -6.60
CA ASN A 398 -22.00 -23.87 -7.46
C ASN A 398 -22.27 -25.23 -8.06
N PRO A 399 -23.46 -25.82 -7.84
CA PRO A 399 -23.69 -27.20 -8.29
C PRO A 399 -23.51 -27.41 -9.79
N GLU A 400 -24.01 -26.50 -10.63
CA GLU A 400 -23.92 -26.72 -12.07
C GLU A 400 -22.47 -26.64 -12.54
N TRP A 401 -21.72 -25.66 -12.05
CA TRP A 401 -20.32 -25.50 -12.44
C TRP A 401 -19.52 -26.76 -12.10
N LEU A 402 -19.65 -27.27 -10.87
CA LEU A 402 -18.94 -28.48 -10.50
C LEU A 402 -19.38 -29.67 -11.33
N PHE A 403 -20.66 -29.69 -11.72
CA PHE A 403 -21.17 -30.77 -12.57
C PHE A 403 -20.47 -30.76 -13.93
N ARG A 404 -20.39 -29.59 -14.56
CA ARG A 404 -19.86 -29.52 -15.91
C ARG A 404 -18.33 -29.54 -15.92
N ILE A 405 -17.69 -28.86 -14.97
CA ILE A 405 -16.24 -28.80 -14.96
C ILE A 405 -15.60 -30.14 -14.63
N TYR A 406 -16.36 -31.12 -14.14
CA TYR A 406 -15.81 -32.44 -13.88
C TYR A 406 -16.32 -33.48 -14.86
N GLN A 407 -16.76 -33.04 -16.04
CA GLN A 407 -17.11 -33.95 -17.11
C GLN A 407 -15.85 -34.53 -17.74
N ASP A 408 -16.01 -35.68 -18.38
CA ASP A 408 -15.02 -36.22 -19.27
C ASP A 408 -15.32 -35.75 -20.70
N THR A 409 -14.27 -35.59 -21.50
CA THR A 409 -14.43 -34.96 -22.81
C THR A 409 -13.76 -35.79 -23.89
N LYS A 410 -14.53 -36.12 -24.93
CA LYS A 410 -13.97 -36.63 -26.17
C LYS A 410 -13.69 -35.45 -27.09
N VAL A 411 -12.42 -35.23 -27.40
CA VAL A 411 -12.02 -34.07 -28.19
C VAL A 411 -12.35 -34.32 -29.66
N ASP A 412 -13.19 -33.46 -30.22
CA ASP A 412 -13.43 -33.49 -31.66
C ASP A 412 -12.20 -32.96 -32.37
N ILE A 413 -11.48 -33.86 -33.06
CA ILE A 413 -10.19 -33.50 -33.64
C ILE A 413 -10.29 -32.40 -34.70
N PRO A 414 -11.12 -32.55 -35.75
CA PRO A 414 -11.07 -31.53 -36.82
C PRO A 414 -11.45 -30.15 -36.35
N SER A 415 -12.41 -30.04 -35.42
CA SER A 415 -12.77 -28.72 -34.91
C SER A 415 -11.66 -28.11 -34.07
N LEU A 416 -10.87 -28.94 -33.39
CA LEU A 416 -9.75 -28.42 -32.62
C LEU A 416 -8.63 -27.93 -33.53
N ILE A 417 -8.33 -28.70 -34.57
CA ILE A 417 -7.24 -28.34 -35.48
C ILE A 417 -7.55 -27.02 -36.19
N GLN A 418 -8.78 -26.88 -36.69
CA GLN A 418 -9.15 -25.61 -37.31
C GLN A 418 -9.12 -24.47 -36.30
N THR A 419 -9.45 -24.75 -35.04
CA THR A 419 -9.41 -23.71 -34.02
C THR A 419 -7.98 -23.29 -33.73
N ILE A 420 -7.05 -24.25 -33.65
CA ILE A 420 -5.65 -23.91 -33.43
C ILE A 420 -5.09 -23.16 -34.64
N ARG A 421 -5.43 -23.63 -35.85
CA ARG A 421 -4.89 -23.01 -37.06
C ARG A 421 -5.35 -21.57 -37.25
N ARG A 422 -6.29 -21.09 -36.43
CA ARG A 422 -6.70 -19.69 -36.48
C ARG A 422 -5.72 -18.77 -35.76
N VAL A 423 -4.78 -19.33 -34.99
CA VAL A 423 -3.77 -18.56 -34.28
C VAL A 423 -2.37 -18.99 -34.67
N VAL A 424 -2.12 -20.30 -34.72
CA VAL A 424 -0.84 -20.85 -35.11
C VAL A 424 -0.97 -21.23 -36.58
N LYS A 425 -0.56 -20.33 -37.47
CA LYS A 425 -0.77 -20.54 -38.90
C LYS A 425 0.39 -21.26 -39.57
N GLY A 426 1.55 -21.35 -38.92
CA GLY A 426 2.67 -22.09 -39.46
C GLY A 426 3.22 -23.12 -38.50
N HIS A 427 4.51 -23.07 -38.25
CA HIS A 427 5.11 -23.92 -37.23
C HIS A 427 4.93 -23.29 -35.85
N PRO A 428 4.43 -24.02 -34.87
CA PRO A 428 4.35 -23.47 -33.52
C PRO A 428 5.68 -23.53 -32.79
N GLY A 429 5.84 -22.63 -31.83
CA GLY A 429 7.03 -22.57 -31.01
C GLY A 429 7.92 -21.39 -31.34
N PRO A 430 9.03 -21.26 -30.59
CA PRO A 430 10.00 -20.17 -30.83
C PRO A 430 10.97 -20.48 -31.96
N ARG A 431 10.44 -20.55 -33.19
CA ARG A 431 11.26 -20.88 -34.36
C ARG A 431 12.08 -19.65 -34.75
N LYS A 432 13.17 -19.46 -34.00
CA LYS A 432 14.19 -18.45 -34.30
C LYS A 432 13.64 -17.03 -34.29
N GLN A 433 12.63 -16.78 -33.46
CA GLN A 433 12.13 -15.42 -33.29
C GLN A 433 12.84 -14.73 -32.14
N LYS A 434 13.10 -13.44 -32.30
CA LYS A 434 13.76 -12.63 -31.29
C LYS A 434 12.74 -11.74 -30.61
N TRP A 435 12.98 -11.45 -29.33
CA TRP A 435 12.05 -10.67 -28.52
C TRP A 435 12.77 -9.48 -27.91
N THR A 436 12.37 -8.28 -28.32
CA THR A 436 12.88 -7.05 -27.74
C THR A 436 12.43 -6.92 -26.30
N VAL A 437 13.06 -6.00 -25.58
CA VAL A 437 12.49 -5.51 -24.33
C VAL A 437 11.74 -4.23 -24.66
N SER A 438 10.60 -4.04 -24.02
CA SER A 438 9.74 -2.90 -24.31
C SER A 438 9.97 -1.85 -23.23
N LEU A 439 10.69 -0.79 -23.60
CA LEU A 439 10.89 0.36 -22.73
C LEU A 439 10.28 1.59 -23.39
N TYR A 440 10.06 2.61 -22.57
CA TYR A 440 9.27 3.77 -22.94
C TYR A 440 10.15 5.01 -23.09
N PRO A 441 9.67 6.04 -23.78
CA PRO A 441 10.45 7.26 -23.91
C PRO A 441 10.40 8.08 -22.63
N GLY A 442 11.36 9.01 -22.53
CA GLY A 442 11.29 10.05 -21.54
C GLY A 442 10.46 11.21 -22.03
N LYS A 443 10.49 12.29 -21.26
CA LYS A 443 9.86 13.53 -21.70
C LYS A 443 10.74 14.21 -22.75
N VAL A 444 10.09 14.82 -23.75
CA VAL A 444 10.82 15.72 -24.62
C VAL A 444 11.26 16.91 -23.77
N ARG A 445 12.40 17.49 -24.12
CA ARG A 445 13.02 18.53 -23.31
C ARG A 445 13.04 19.85 -24.05
N GLU A 446 12.96 20.94 -23.27
CA GLU A 446 13.12 22.31 -23.77
C GLU A 446 12.11 22.63 -24.86
N ALA A 447 10.86 22.26 -24.62
CA ALA A 447 9.81 22.57 -25.59
C ALA A 447 9.57 24.07 -25.62
N ARG A 448 9.52 24.64 -26.82
CA ARG A 448 9.33 26.07 -27.01
C ARG A 448 8.21 26.30 -28.01
N CYS A 449 7.78 27.55 -28.11
CA CYS A 449 6.82 27.92 -29.16
C CYS A 449 6.92 29.40 -29.44
N GLN A 450 6.62 29.76 -30.69
CA GLN A 450 6.56 31.13 -31.16
C GLN A 450 5.35 31.29 -32.06
N ALA A 451 4.78 32.49 -32.06
CA ALA A 451 3.59 32.77 -32.85
C ALA A 451 3.80 34.03 -33.69
N SER A 452 3.00 34.15 -34.74
CA SER A 452 3.03 35.32 -35.59
C SER A 452 1.68 35.47 -36.27
N VAL A 453 1.34 36.71 -36.64
CA VAL A 453 0.07 37.02 -37.28
C VAL A 453 0.36 37.68 -38.62
N GLN A 454 -0.28 37.19 -39.68
CA GLN A 454 -0.10 37.75 -41.02
C GLN A 454 -1.35 38.43 -41.55
N GLY A 455 -2.51 38.20 -40.94
CA GLY A 455 -3.75 38.80 -41.41
C GLY A 455 -4.80 38.69 -40.32
N ALA A 456 -5.95 39.30 -40.62
CA ALA A 456 -7.04 39.34 -39.64
C ALA A 456 -7.44 37.95 -39.17
N SER A 457 -7.24 36.92 -40.00
CA SER A 457 -7.61 35.55 -39.65
C SER A 457 -6.50 34.55 -39.95
N GLU A 458 -5.27 35.02 -40.16
CA GLU A 458 -4.14 34.14 -40.44
C GLU A 458 -3.11 34.28 -39.33
N ALA A 459 -2.74 33.16 -38.73
CA ALA A 459 -1.69 33.14 -37.73
C ALA A 459 -0.89 31.85 -37.86
N ARG A 460 0.29 31.84 -37.27
CA ARG A 460 1.19 30.69 -37.29
C ARG A 460 1.65 30.39 -35.88
N LEU A 461 1.72 29.10 -35.55
CA LEU A 461 2.18 28.64 -34.24
C LEU A 461 3.21 27.55 -34.44
N SER A 462 4.48 27.85 -34.17
CA SER A 462 5.56 26.89 -34.30
C SER A 462 5.94 26.33 -32.94
N VAL A 463 6.12 25.01 -32.88
CA VAL A 463 6.53 24.31 -31.68
C VAL A 463 7.79 23.51 -31.99
N SER A 464 8.70 23.42 -31.03
CA SER A 464 9.92 22.65 -31.21
C SER A 464 10.38 22.12 -29.86
N TRP A 465 11.14 21.03 -29.92
CA TRP A 465 11.57 20.34 -28.70
C TRP A 465 12.75 19.44 -29.03
N GLN A 466 13.49 19.08 -27.98
CA GLN A 466 14.57 18.12 -28.11
C GLN A 466 14.08 16.72 -27.79
N ILE A 467 14.79 15.72 -28.33
CA ILE A 467 14.43 14.31 -28.15
C ILE A 467 14.49 13.97 -26.66
N PRO A 468 13.72 12.99 -26.20
CA PRO A 468 13.89 12.52 -24.82
C PRO A 468 15.34 12.12 -24.58
N TRP A 469 15.80 12.32 -23.35
CA TRP A 469 17.22 12.11 -23.05
C TRP A 469 17.64 10.67 -23.31
N ASN A 470 16.78 9.71 -22.95
CA ASN A 470 17.16 8.31 -23.15
C ASN A 470 17.18 7.92 -24.62
N LEU A 471 16.53 8.69 -25.50
CA LEU A 471 16.60 8.42 -26.93
C LEU A 471 18.01 8.63 -27.49
N LYS A 472 18.85 9.42 -26.82
CA LYS A 472 20.23 9.55 -27.26
C LYS A 472 20.96 8.21 -27.26
N TYR A 473 20.54 7.28 -26.42
CA TYR A 473 21.19 5.98 -26.29
C TYR A 473 20.30 4.83 -26.75
N LEU A 474 19.28 5.12 -27.56
CA LEU A 474 18.30 4.14 -27.99
C LEU A 474 18.25 4.08 -29.51
N LYS A 475 18.12 2.87 -30.05
CA LYS A 475 17.87 2.67 -31.47
C LYS A 475 16.45 2.16 -31.63
N VAL A 476 15.52 3.08 -31.90
CA VAL A 476 14.10 2.77 -31.97
C VAL A 476 13.68 2.74 -33.43
N ARG A 477 12.91 1.72 -33.80
CA ARG A 477 12.52 1.54 -35.20
C ARG A 477 11.65 2.69 -35.69
N GLU A 478 10.70 3.14 -34.85
CA GLU A 478 9.79 4.21 -35.23
C GLU A 478 9.62 5.16 -34.06
N VAL A 479 9.88 6.43 -34.28
CA VAL A 479 9.75 7.47 -33.27
C VAL A 479 8.77 8.52 -33.78
N LYS A 480 7.74 8.79 -32.98
CA LYS A 480 6.73 9.77 -33.32
C LYS A 480 6.47 10.66 -32.11
N TYR A 481 5.86 11.82 -32.35
CA TYR A 481 5.48 12.73 -31.29
C TYR A 481 4.01 13.09 -31.45
N GLU A 482 3.25 12.97 -30.37
CA GLU A 482 1.85 13.37 -30.35
C GLU A 482 1.75 14.73 -29.68
N VAL A 483 1.12 15.68 -30.37
CA VAL A 483 1.00 17.05 -29.91
C VAL A 483 -0.47 17.34 -29.66
N TRP A 484 -0.82 17.59 -28.40
CA TRP A 484 -2.18 17.93 -28.02
C TRP A 484 -2.32 19.45 -28.02
N LEU A 485 -3.20 19.98 -28.87
CA LEU A 485 -3.43 21.41 -29.00
C LEU A 485 -4.82 21.74 -28.48
N GLN A 486 -4.91 22.77 -27.64
CA GLN A 486 -6.17 23.16 -27.02
C GLN A 486 -6.21 24.68 -26.87
N GLU A 487 -7.31 25.29 -27.33
CA GLU A 487 -7.53 26.71 -27.07
C GLU A 487 -7.92 26.90 -25.61
N GLN A 488 -7.52 28.05 -25.05
CA GLN A 488 -7.57 28.26 -23.60
C GLN A 488 -8.96 28.00 -23.02
N GLY A 489 -10.00 28.58 -23.63
CA GLY A 489 -11.33 28.41 -23.09
C GLY A 489 -12.02 27.10 -23.47
N GLU A 490 -11.53 26.44 -24.52
CA GLU A 490 -12.17 25.23 -25.01
C GLU A 490 -12.02 24.08 -24.02
N ASN A 491 -13.03 23.21 -23.98
CA ASN A 491 -13.00 21.95 -23.27
C ASN A 491 -12.35 20.84 -24.09
N THR A 492 -11.83 21.17 -25.26
CA THR A 492 -11.36 20.21 -26.23
C THR A 492 -9.85 20.22 -26.34
N TYR A 493 -9.31 19.14 -26.89
CA TYR A 493 -7.95 19.13 -27.40
C TYR A 493 -7.95 18.31 -28.67
N VAL A 494 -7.15 18.73 -29.64
CA VAL A 494 -6.99 18.03 -30.91
C VAL A 494 -5.61 17.41 -30.92
N PRO A 495 -5.48 16.13 -31.23
CA PRO A 495 -4.16 15.51 -31.33
C PRO A 495 -3.61 15.58 -32.75
N TYR A 496 -2.27 15.57 -32.82
CA TYR A 496 -1.56 15.54 -34.09
C TYR A 496 -0.34 14.64 -33.94
N MET A 497 -0.16 13.73 -34.88
CA MET A 497 1.00 12.85 -34.93
C MET A 497 2.01 13.43 -35.89
N LEU A 498 3.22 13.65 -35.40
CA LEU A 498 4.32 14.17 -36.22
C LEU A 498 5.51 13.23 -36.13
N ALA A 499 6.38 13.32 -37.15
CA ALA A 499 7.62 12.57 -37.18
C ALA A 499 8.86 13.43 -36.92
N LEU A 500 8.79 14.73 -37.19
CA LEU A 500 9.89 15.62 -36.89
C LEU A 500 9.78 16.15 -35.46
N GLN A 501 10.85 16.80 -35.01
CA GLN A 501 10.90 17.40 -33.68
C GLN A 501 10.35 18.82 -33.66
N ASN A 502 9.66 19.25 -34.71
CA ASN A 502 9.14 20.60 -34.79
C ASN A 502 7.92 20.59 -35.70
N HIS A 503 7.12 21.65 -35.59
CA HIS A 503 5.92 21.77 -36.41
C HIS A 503 5.45 23.22 -36.37
N THR A 504 4.88 23.66 -37.49
CA THR A 504 4.27 24.98 -37.57
C THR A 504 2.80 24.81 -37.95
N PHE A 505 1.91 25.15 -37.04
CA PHE A 505 0.49 25.10 -37.31
C PHE A 505 0.05 26.35 -38.06
N THR A 506 -0.80 26.17 -39.07
CA THR A 506 -1.24 27.31 -39.88
C THR A 506 -2.75 27.44 -39.95
N GLU A 507 -3.40 26.58 -40.73
CA GLU A 507 -4.81 26.77 -41.07
C GLU A 507 -5.76 26.43 -39.93
N ASN A 508 -5.30 25.75 -38.88
CA ASN A 508 -6.13 25.46 -37.71
C ASN A 508 -6.01 26.51 -36.62
N ILE A 509 -5.15 27.51 -36.80
CA ILE A 509 -4.80 28.47 -35.76
C ILE A 509 -5.57 29.78 -35.98
N LYS A 510 -6.12 30.33 -34.87
CA LYS A 510 -6.78 31.63 -34.85
C LYS A 510 -5.85 32.68 -34.27
N PRO A 511 -5.91 33.92 -34.74
CA PRO A 511 -5.09 34.98 -34.15
C PRO A 511 -5.73 35.55 -32.90
N PHE A 512 -4.88 36.19 -32.09
CA PHE A 512 -5.30 36.88 -30.87
C PHE A 512 -6.02 35.94 -29.90
N THR A 513 -5.39 34.79 -29.64
CA THR A 513 -5.93 33.83 -28.69
C THR A 513 -4.77 33.02 -28.11
N THR A 514 -5.08 32.15 -27.16
CA THR A 514 -4.07 31.39 -26.44
C THR A 514 -4.30 29.90 -26.63
N TYR A 515 -3.20 29.17 -26.82
CA TYR A 515 -3.23 27.73 -27.00
C TYR A 515 -2.34 27.06 -25.96
N LEU A 516 -2.82 25.95 -25.40
CA LEU A 516 -2.02 25.07 -24.58
C LEU A 516 -1.51 23.91 -25.43
N VAL A 517 -0.25 23.54 -25.25
CA VAL A 517 0.40 22.54 -26.08
C VAL A 517 1.00 21.48 -25.15
N TRP A 518 0.57 20.24 -25.33
CA TRP A 518 1.18 19.10 -24.66
C TRP A 518 1.90 18.24 -25.69
N ILE A 519 3.10 17.78 -25.33
CA ILE A 519 3.93 17.00 -26.24
C ILE A 519 4.38 15.73 -25.52
N ARG A 520 4.25 14.59 -26.19
CA ARG A 520 4.82 13.34 -25.70
C ARG A 520 5.38 12.55 -26.89
N CYS A 521 6.31 11.65 -26.60
CA CYS A 521 6.97 10.85 -27.63
C CYS A 521 6.47 9.41 -27.52
N ILE A 522 6.32 8.76 -28.67
CA ILE A 522 5.77 7.41 -28.75
C ILE A 522 6.76 6.52 -29.48
N PHE A 523 7.20 5.46 -28.82
CA PHE A 523 8.12 4.50 -29.43
C PHE A 523 7.32 3.44 -30.16
N ASN A 524 7.76 3.13 -31.38
CA ASN A 524 6.98 2.30 -32.28
C ASN A 524 5.58 2.88 -32.35
N LYS A 525 4.55 2.15 -31.94
CA LYS A 525 3.21 2.72 -31.96
C LYS A 525 2.45 2.60 -30.65
N THR A 526 2.89 1.75 -29.72
CA THR A 526 2.13 1.46 -28.52
C THR A 526 2.84 1.87 -27.23
N LEU A 527 4.13 2.22 -27.31
CA LEU A 527 4.90 2.60 -26.13
C LEU A 527 4.80 4.10 -25.95
N LEU A 528 3.80 4.53 -25.18
CA LEU A 528 3.51 5.95 -25.00
C LEU A 528 4.39 6.54 -23.91
N GLY A 529 5.11 7.61 -24.22
CA GLY A 529 5.89 8.31 -23.24
C GLY A 529 5.05 9.28 -22.43
N PRO A 530 5.68 9.90 -21.44
CA PRO A 530 4.98 10.91 -20.63
C PRO A 530 4.97 12.27 -21.30
N PHE A 531 3.94 13.05 -20.96
CA PHE A 531 3.88 14.43 -21.43
C PHE A 531 4.88 15.29 -20.66
N ALA A 532 5.42 16.29 -21.36
CA ALA A 532 6.27 17.27 -20.71
C ALA A 532 5.41 18.36 -20.08
N ASP A 533 6.05 19.37 -19.51
CA ASP A 533 5.31 20.51 -18.98
C ASP A 533 4.54 21.20 -20.11
N VAL A 534 3.31 21.60 -19.81
CA VAL A 534 2.47 22.24 -20.82
C VAL A 534 3.09 23.57 -21.25
N LEU A 535 2.93 23.88 -22.53
CA LEU A 535 3.36 25.17 -23.09
C LEU A 535 2.16 26.08 -23.25
N VAL A 536 2.33 27.34 -22.85
CA VAL A 536 1.36 28.39 -23.10
C VAL A 536 1.86 29.23 -24.26
N CYS A 537 1.05 29.33 -25.31
CA CYS A 537 1.43 30.00 -26.55
C CYS A 537 0.27 30.87 -27.00
N SER A 538 0.49 32.19 -27.06
CA SER A 538 -0.55 33.14 -27.41
C SER A 538 -0.27 33.74 -28.77
N THR A 539 -1.29 33.81 -29.61
CA THR A 539 -1.19 34.35 -30.96
C THR A 539 -1.68 35.79 -31.00
N ASP B 11 35.63 -5.74 -6.15
CA ASP B 11 34.27 -5.31 -5.86
C ASP B 11 33.70 -4.51 -7.03
N TYR B 12 34.38 -3.42 -7.38
CA TYR B 12 33.90 -2.59 -8.49
C TYR B 12 33.77 -3.36 -9.79
N PRO B 13 34.79 -4.09 -10.27
CA PRO B 13 34.60 -4.86 -11.51
C PRO B 13 33.49 -5.88 -11.41
N LYS B 14 33.30 -6.48 -10.23
CA LYS B 14 32.16 -7.37 -10.03
C LYS B 14 30.85 -6.60 -9.98
N ALA B 15 30.89 -5.36 -9.47
CA ALA B 15 29.68 -4.55 -9.43
C ALA B 15 29.27 -4.10 -10.82
N LEU B 16 30.24 -3.72 -11.65
CA LEU B 16 29.91 -3.25 -13.00
C LEU B 16 29.37 -4.39 -13.85
N GLN B 17 29.93 -5.59 -13.70
CA GLN B 17 29.46 -6.71 -14.50
C GLN B 17 28.05 -7.13 -14.10
N ILE B 18 27.67 -6.95 -12.84
CA ILE B 18 26.31 -7.23 -12.44
C ILE B 18 25.35 -6.22 -13.05
N LEU B 19 25.76 -4.95 -13.07
CA LEU B 19 24.90 -3.90 -13.60
C LEU B 19 24.75 -4.02 -15.12
N THR B 20 25.87 -4.24 -15.82
CA THR B 20 25.81 -4.26 -17.27
C THR B 20 25.15 -5.54 -17.79
N GLU B 21 25.34 -6.66 -17.10
CA GLU B 21 24.68 -7.89 -17.51
C GLU B 21 23.28 -8.02 -16.94
N GLY B 22 23.13 -7.77 -15.64
CA GLY B 22 21.87 -8.02 -14.96
C GLY B 22 20.85 -6.91 -15.05
N GLY B 23 21.28 -5.66 -14.97
CA GLY B 23 20.36 -4.53 -14.99
C GLY B 23 19.77 -4.21 -13.62
N THR B 24 18.84 -3.25 -13.63
CA THR B 24 18.23 -2.75 -12.42
C THR B 24 17.17 -3.71 -11.89
N HIS B 25 17.06 -3.77 -10.56
CA HIS B 25 16.06 -4.59 -9.87
C HIS B 25 15.21 -3.67 -9.00
N MET B 26 13.89 -3.81 -9.09
CA MET B 26 12.97 -2.92 -8.38
C MET B 26 11.78 -3.71 -7.85
N VAL B 27 11.54 -3.61 -6.54
CA VAL B 27 10.40 -4.23 -5.87
C VAL B 27 9.75 -3.18 -4.99
N CYS B 28 8.46 -2.91 -5.22
CA CYS B 28 7.75 -1.84 -4.55
C CYS B 28 6.46 -2.37 -3.93
N THR B 29 6.11 -1.82 -2.77
CA THR B 29 4.83 -2.08 -2.11
C THR B 29 3.75 -1.13 -2.61
N GLY B 30 2.50 -1.51 -2.40
CA GLY B 30 1.38 -0.63 -2.71
C GLY B 30 0.82 -0.80 -4.10
N ARG B 31 -0.50 -0.70 -4.24
CA ARG B 31 -1.12 -0.82 -5.53
C ARG B 31 -1.29 0.52 -6.23
N THR B 32 -1.03 1.63 -5.55
CA THR B 32 -1.12 2.96 -6.14
C THR B 32 0.18 3.72 -5.88
N HIS B 33 0.40 4.76 -6.70
CA HIS B 33 1.61 5.56 -6.56
C HIS B 33 1.59 6.37 -5.26
N THR B 34 0.41 6.67 -4.73
CA THR B 34 0.29 7.43 -3.49
C THR B 34 0.55 6.60 -2.25
N ASP B 35 0.89 5.32 -2.41
CA ASP B 35 1.09 4.44 -1.27
C ASP B 35 2.26 3.50 -1.51
N ARG B 36 3.30 3.96 -2.20
CA ARG B 36 4.32 3.10 -2.77
C ARG B 36 5.69 3.43 -2.21
N LEU B 37 6.37 2.42 -1.68
CA LEU B 37 7.79 2.48 -1.34
C LEU B 37 8.53 1.45 -2.16
N CYS B 38 9.69 1.83 -2.68
CA CYS B 38 10.44 1.03 -3.64
C CYS B 38 11.80 0.62 -3.11
N ARG B 39 12.16 -0.63 -3.33
CA ARG B 39 13.49 -1.13 -3.05
C ARG B 39 14.20 -1.37 -4.38
N PHE B 40 15.30 -0.65 -4.60
CA PHE B 40 16.05 -0.73 -5.85
C PHE B 40 17.40 -1.38 -5.64
N LYS B 41 17.82 -2.17 -6.62
CA LYS B 41 19.19 -2.63 -6.73
C LYS B 41 19.68 -2.25 -8.12
N TRP B 42 20.82 -1.57 -8.18
CA TRP B 42 21.43 -1.13 -9.45
C TRP B 42 20.54 -0.11 -10.16
N LEU B 43 19.93 0.78 -9.40
CA LEU B 43 19.32 1.98 -9.95
C LEU B 43 20.39 3.05 -10.10
N CYS B 44 20.30 3.85 -11.17
CA CYS B 44 21.32 4.82 -11.51
C CYS B 44 20.70 6.21 -11.73
N TYR B 45 21.58 7.20 -11.80
CA TYR B 45 21.19 8.60 -11.88
C TYR B 45 22.19 9.33 -12.75
N SER B 46 21.70 9.99 -13.80
CA SER B 46 22.52 10.86 -14.61
C SER B 46 22.43 12.27 -14.03
N SER B 47 23.52 12.73 -13.40
CA SER B 47 23.52 14.06 -12.82
C SER B 47 23.40 15.16 -13.88
N GLU B 48 23.73 14.84 -15.14
CA GLU B 48 23.57 15.82 -16.21
C GLU B 48 22.10 15.99 -16.57
N ALA B 49 21.41 14.88 -16.85
CA ALA B 49 20.00 14.97 -17.22
C ALA B 49 19.08 15.12 -16.02
N GLU B 50 19.57 14.90 -14.81
CA GLU B 50 18.75 14.87 -13.60
C GLU B 50 17.59 13.89 -13.76
N GLU B 51 17.94 12.68 -14.19
CA GLU B 51 16.97 11.61 -14.40
C GLU B 51 17.52 10.33 -13.78
N PHE B 52 16.67 9.62 -13.06
CA PHE B 52 17.02 8.27 -12.64
C PHE B 52 16.85 7.32 -13.81
N ILE B 53 17.65 6.25 -13.82
CA ILE B 53 17.73 5.36 -14.97
C ILE B 53 17.52 3.93 -14.51
N PHE B 54 16.54 3.26 -15.11
CA PHE B 54 16.34 1.83 -14.97
C PHE B 54 17.02 1.14 -16.15
N PHE B 55 18.08 0.38 -15.87
CA PHE B 55 18.79 -0.36 -16.91
C PHE B 55 18.18 -1.76 -17.03
N HIS B 56 17.77 -2.10 -18.25
CA HIS B 56 17.17 -3.40 -18.53
C HIS B 56 18.28 -4.41 -18.86
N GLY B 57 18.41 -5.42 -18.02
CA GLY B 57 19.36 -6.51 -18.26
C GLY B 57 18.71 -7.87 -18.12
N ASN B 58 19.49 -8.94 -18.12
CA ASN B 58 18.92 -10.28 -18.09
C ASN B 58 18.49 -10.73 -16.70
N ALA B 59 18.69 -9.90 -15.68
CA ALA B 59 18.17 -10.19 -14.34
C ALA B 59 17.23 -9.10 -13.85
N SER B 60 16.77 -8.22 -14.72
CA SER B 60 15.98 -7.08 -14.27
C SER B 60 14.61 -7.52 -13.79
N VAL B 61 14.10 -6.80 -12.79
CA VAL B 61 12.77 -7.00 -12.24
C VAL B 61 12.14 -5.64 -12.06
N MET B 62 10.88 -5.49 -12.49
CA MET B 62 10.14 -4.23 -12.33
C MET B 62 8.77 -4.54 -11.77
N LEU B 63 8.61 -4.36 -10.46
CA LEU B 63 7.35 -4.61 -9.75
C LEU B 63 6.98 -3.37 -8.96
N PRO B 64 5.87 -2.71 -9.27
CA PRO B 64 4.94 -3.13 -10.31
C PRO B 64 5.45 -2.85 -11.72
N SER B 65 4.89 -3.57 -12.69
CA SER B 65 5.16 -3.38 -14.12
C SER B 65 3.93 -2.70 -14.69
N LEU B 66 4.00 -1.37 -14.81
CA LEU B 66 2.81 -0.58 -15.11
C LEU B 66 2.64 -0.25 -16.59
N GLY B 67 3.63 -0.54 -17.42
CA GLY B 67 3.55 -0.09 -18.80
C GLY B 67 3.53 1.42 -18.87
N SER B 68 2.75 1.96 -19.80
CA SER B 68 2.63 3.40 -19.89
C SER B 68 1.83 3.99 -18.74
N ARG B 69 1.18 3.17 -17.92
CA ARG B 69 0.53 3.70 -16.74
C ARG B 69 1.52 4.14 -15.68
N ARG B 70 2.81 3.82 -15.85
CA ARG B 70 3.85 4.39 -15.01
C ARG B 70 3.95 5.91 -15.16
N PHE B 71 3.33 6.48 -16.19
CA PHE B 71 3.29 7.93 -16.38
C PHE B 71 1.91 8.50 -16.09
N GLN B 72 1.08 7.77 -15.34
CA GLN B 72 -0.27 8.21 -15.01
C GLN B 72 -0.50 8.12 -13.51
N PRO B 73 0.10 9.04 -12.71
CA PRO B 73 0.97 10.11 -13.19
C PRO B 73 2.47 9.82 -13.00
N ALA B 74 2.82 8.83 -12.18
CA ALA B 74 4.21 8.52 -11.89
C ALA B 74 4.27 7.19 -11.15
N LEU B 75 5.49 6.80 -10.77
CA LEU B 75 5.69 5.57 -10.03
C LEU B 75 5.27 5.74 -8.57
N LEU B 76 5.69 6.83 -7.93
CA LEU B 76 5.38 7.04 -6.52
C LEU B 76 5.52 8.51 -6.18
N ASP B 77 4.96 8.89 -5.04
CA ASP B 77 5.17 10.23 -4.48
C ASP B 77 6.53 10.29 -3.78
N LEU B 78 7.35 11.26 -4.18
CA LEU B 78 8.67 11.40 -3.56
C LEU B 78 8.61 12.12 -2.21
N SER B 79 7.59 12.94 -1.99
CA SER B 79 7.32 13.56 -0.70
C SER B 79 6.12 12.87 -0.05
N THR B 80 5.73 13.34 1.13
CA THR B 80 4.55 12.80 1.80
C THR B 80 3.29 13.60 1.53
N VAL B 81 3.37 14.68 0.77
CA VAL B 81 2.18 15.39 0.34
C VAL B 81 1.58 14.62 -0.83
N GLU B 82 0.39 14.04 -0.62
CA GLU B 82 -0.16 13.03 -1.52
C GLU B 82 -0.41 13.60 -2.91
N ASP B 83 0.15 12.92 -3.92
CA ASP B 83 -0.14 13.18 -5.33
C ASP B 83 0.12 14.64 -5.70
N HIS B 84 1.26 15.17 -5.25
CA HIS B 84 1.60 16.55 -5.56
C HIS B 84 2.21 16.66 -6.95
N ASN B 85 1.86 17.75 -7.63
CA ASN B 85 2.21 17.92 -9.04
C ASN B 85 3.71 17.83 -9.28
N THR B 86 4.51 18.45 -8.42
CA THR B 86 5.95 18.61 -8.66
C THR B 86 6.80 17.71 -7.77
N GLN B 87 6.20 16.71 -7.13
CA GLN B 87 6.91 15.87 -6.19
C GLN B 87 6.94 14.41 -6.62
N TYR B 88 6.72 14.13 -7.90
CA TYR B 88 6.67 12.76 -8.39
C TYR B 88 8.07 12.20 -8.58
N PHE B 89 8.17 10.88 -8.48
CA PHE B 89 9.37 10.14 -8.84
C PHE B 89 9.11 9.28 -10.07
N ASN B 90 10.09 9.21 -10.96
CA ASN B 90 10.05 8.27 -12.07
C ASN B 90 11.47 8.07 -12.58
N PHE B 91 11.61 7.14 -13.53
CA PHE B 91 12.89 6.90 -14.17
C PHE B 91 12.71 6.84 -15.67
N VAL B 92 13.83 7.00 -16.37
CA VAL B 92 13.88 6.76 -17.80
C VAL B 92 14.54 5.41 -18.00
N GLU B 93 14.13 4.71 -19.06
CA GLU B 93 14.58 3.33 -19.28
C GLU B 93 15.60 3.26 -20.39
N LEU B 94 16.60 2.40 -20.20
CA LEU B 94 17.62 2.14 -21.19
C LEU B 94 18.03 0.69 -21.11
N PRO B 95 18.46 0.08 -22.22
CA PRO B 95 19.04 -1.27 -22.13
C PRO B 95 20.37 -1.20 -21.39
N ALA B 96 20.65 -2.25 -20.62
CA ALA B 96 21.90 -2.30 -19.88
C ALA B 96 23.12 -2.17 -20.79
N ALA B 97 23.00 -2.53 -22.07
CA ALA B 97 24.12 -2.45 -22.99
C ALA B 97 24.48 -1.01 -23.32
N ALA B 98 23.58 -0.06 -23.08
CA ALA B 98 23.86 1.34 -23.37
C ALA B 98 24.98 1.90 -22.51
N LEU B 99 25.31 1.25 -21.40
CA LEU B 99 26.35 1.75 -20.51
C LEU B 99 27.71 1.88 -21.21
N ARG B 100 27.94 1.12 -22.27
CA ARG B 100 29.20 1.22 -23.01
C ARG B 100 29.39 2.61 -23.61
N PHE B 101 28.30 3.33 -23.87
CA PHE B 101 28.34 4.65 -24.49
C PHE B 101 28.26 5.77 -23.48
N MET B 102 28.48 5.47 -22.20
CA MET B 102 28.45 6.44 -21.11
C MET B 102 29.76 6.34 -20.34
N PRO B 103 30.09 7.37 -19.55
CA PRO B 103 31.26 7.26 -18.68
C PRO B 103 31.08 6.15 -17.67
N LYS B 104 32.20 5.65 -17.16
CA LYS B 104 32.16 4.58 -16.17
C LYS B 104 31.44 5.08 -14.92
N PRO B 105 30.51 4.31 -14.37
CA PRO B 105 29.67 4.83 -13.28
C PRO B 105 30.45 4.95 -11.98
N VAL B 106 29.97 5.85 -11.13
CA VAL B 106 30.46 6.00 -9.77
C VAL B 106 29.44 5.32 -8.87
N PHE B 107 29.84 4.21 -8.25
CA PHE B 107 28.94 3.46 -7.39
C PHE B 107 28.88 4.11 -6.02
N VAL B 108 27.68 4.52 -5.61
CA VAL B 108 27.48 5.08 -4.28
C VAL B 108 27.67 3.96 -3.27
N PRO B 109 28.58 4.11 -2.31
CA PRO B 109 28.83 3.02 -1.34
C PRO B 109 27.65 2.76 -0.41
N ASP B 110 27.24 3.79 0.32
CA ASP B 110 26.21 3.63 1.33
C ASP B 110 24.87 3.29 0.70
N VAL B 111 24.06 2.51 1.42
CA VAL B 111 22.68 2.27 1.00
C VAL B 111 21.90 3.57 1.13
N ALA B 112 21.07 3.86 0.12
CA ALA B 112 20.43 5.16 0.02
C ALA B 112 18.95 5.09 0.41
N LEU B 113 18.46 6.21 0.93
CA LEU B 113 17.03 6.48 1.04
C LEU B 113 16.78 7.80 0.33
N ILE B 114 15.97 7.76 -0.73
CA ILE B 114 15.80 8.87 -1.66
C ILE B 114 14.42 9.46 -1.44
N ALA B 115 14.36 10.75 -1.14
CA ALA B 115 13.10 11.38 -0.81
C ALA B 115 13.18 12.88 -1.07
N ASN B 116 12.01 13.51 -1.10
CA ASN B 116 11.89 14.94 -1.30
C ASN B 116 11.37 15.59 -0.02
N ARG B 117 12.09 16.61 0.45
CA ARG B 117 11.57 17.47 1.51
C ARG B 117 10.59 18.47 0.89
N PHE B 118 9.40 18.57 1.47
CA PHE B 118 8.39 19.44 0.88
C PHE B 118 8.76 20.92 1.04
N ASN B 119 9.09 21.33 2.27
CA ASN B 119 9.46 22.73 2.52
C ASN B 119 10.43 22.79 3.68
N PRO B 120 11.73 22.65 3.42
CA PRO B 120 12.71 22.63 4.51
C PRO B 120 12.84 23.95 5.26
N ASP B 121 12.17 25.01 4.82
CA ASP B 121 12.25 26.30 5.49
C ASP B 121 11.12 26.53 6.48
N ASN B 122 10.15 25.63 6.55
CA ASN B 122 9.03 25.75 7.48
C ASN B 122 9.13 24.64 8.52
N LEU B 123 9.00 25.01 9.80
CA LEU B 123 9.18 24.05 10.89
C LEU B 123 8.06 23.02 10.89
N MET B 124 6.82 23.44 10.64
CA MET B 124 5.72 22.48 10.61
C MET B 124 5.86 21.49 9.47
N HIS B 125 6.23 21.97 8.28
CA HIS B 125 6.43 21.06 7.16
C HIS B 125 7.59 20.10 7.42
N VAL B 126 8.67 20.61 8.02
CA VAL B 126 9.84 19.77 8.29
C VAL B 126 9.45 18.59 9.20
N PHE B 127 8.81 18.88 10.34
CA PHE B 127 8.48 17.81 11.27
C PHE B 127 7.40 16.90 10.71
N HIS B 128 6.32 17.47 10.17
CA HIS B 128 5.17 16.67 9.77
C HIS B 128 5.45 15.90 8.49
N ASP B 129 5.95 16.58 7.46
CA ASP B 129 6.12 15.94 6.15
C ASP B 129 7.42 15.15 6.05
N ASP B 130 8.48 15.58 6.74
CA ASP B 130 9.81 15.00 6.55
C ASP B 130 10.28 14.19 7.75
N LEU B 131 10.48 14.83 8.91
CA LEU B 131 11.16 14.20 10.03
C LEU B 131 10.45 12.92 10.48
N LEU B 132 9.17 13.03 10.83
CA LEU B 132 8.44 11.85 11.30
C LEU B 132 8.35 10.77 10.24
N PRO B 133 8.00 11.05 8.98
CA PRO B 133 8.06 9.97 7.98
C PRO B 133 9.46 9.41 7.76
N LEU B 134 10.49 10.27 7.77
CA LEU B 134 11.85 9.75 7.61
C LEU B 134 12.19 8.77 8.72
N PHE B 135 11.81 9.10 9.96
CA PHE B 135 12.17 8.29 11.12
C PHE B 135 11.59 6.88 11.01
N TYR B 136 10.33 6.76 10.61
CA TYR B 136 9.70 5.46 10.55
C TYR B 136 9.90 4.76 9.21
N THR B 137 10.11 5.51 8.12
CA THR B 137 10.47 4.87 6.86
C THR B 137 11.82 4.17 6.97
N LEU B 138 12.77 4.78 7.69
CA LEU B 138 14.05 4.13 7.92
C LEU B 138 13.87 2.86 8.73
N ARG B 139 12.94 2.86 9.69
CA ARG B 139 12.72 1.69 10.52
C ARG B 139 11.84 0.66 9.84
N GLN B 140 11.23 1.00 8.71
CA GLN B 140 10.40 0.03 7.98
C GLN B 140 11.24 -1.08 7.36
N PHE B 141 12.49 -0.80 7.00
CA PHE B 141 13.34 -1.76 6.32
C PHE B 141 14.57 -2.06 7.17
N PRO B 142 14.96 -3.33 7.31
CA PRO B 142 16.06 -3.67 8.21
C PRO B 142 17.38 -3.05 7.76
N GLY B 143 18.10 -2.48 8.73
CA GLY B 143 19.41 -1.92 8.49
C GLY B 143 19.42 -0.49 8.03
N LEU B 144 18.29 0.04 7.58
CA LEU B 144 18.26 1.40 7.05
C LEU B 144 18.62 2.43 8.12
N ALA B 145 18.11 2.25 9.34
CA ALA B 145 18.26 3.27 10.37
C ALA B 145 19.72 3.50 10.74
N ARG B 146 20.58 2.50 10.58
CA ARG B 146 21.98 2.62 10.95
C ARG B 146 22.89 2.88 9.76
N GLU B 147 22.60 2.30 8.60
CA GLU B 147 23.54 2.30 7.49
C GLU B 147 23.16 3.21 6.33
N ALA B 148 21.98 3.84 6.36
CA ALA B 148 21.52 4.57 5.18
C ALA B 148 22.01 6.02 5.19
N ARG B 149 22.25 6.53 3.99
CA ARG B 149 22.48 7.94 3.77
C ARG B 149 21.27 8.53 3.07
N LEU B 150 20.83 9.69 3.53
CA LEU B 150 19.64 10.33 2.97
C LEU B 150 20.02 11.18 1.76
N PHE B 151 19.21 11.07 0.71
CA PHE B 151 19.40 11.83 -0.52
C PHE B 151 18.15 12.67 -0.75
N PHE B 152 18.29 13.98 -0.64
CA PHE B 152 17.15 14.90 -0.78
C PHE B 152 17.17 15.50 -2.18
N MET B 153 16.14 15.21 -2.96
CA MET B 153 16.14 15.49 -4.38
C MET B 153 15.20 16.64 -4.78
N GLU B 154 14.53 17.26 -3.82
CA GLU B 154 13.58 18.33 -4.13
C GLU B 154 14.25 19.56 -4.73
N GLY B 155 15.55 19.75 -4.51
CA GLY B 155 16.26 20.85 -5.14
C GLY B 155 16.50 22.06 -4.26
N TRP B 156 16.00 22.08 -3.03
CA TRP B 156 16.25 23.19 -2.14
C TRP B 156 17.63 23.07 -1.51
N GLY B 157 18.11 24.18 -0.96
CA GLY B 157 19.33 24.17 -0.18
C GLY B 157 19.11 23.50 1.17
N GLU B 158 20.13 23.60 2.01
CA GLU B 158 20.07 23.02 3.35
C GLU B 158 18.82 23.46 4.09
N GLY B 159 18.51 24.76 4.04
CA GLY B 159 17.34 25.28 4.71
C GLY B 159 17.64 25.69 6.14
N ALA B 160 16.60 26.24 6.77
CA ALA B 160 16.75 26.83 8.10
C ALA B 160 16.88 25.79 9.20
N HIS B 161 16.58 24.52 8.93
CA HIS B 161 16.51 23.50 9.96
C HIS B 161 17.28 22.26 9.55
N PHE B 162 18.43 22.44 8.90
CA PHE B 162 19.15 21.29 8.37
C PHE B 162 19.74 20.42 9.46
N ASP B 163 20.07 20.99 10.62
CA ASP B 163 20.63 20.17 11.69
C ASP B 163 19.60 19.21 12.26
N LEU B 164 18.31 19.50 12.13
CA LEU B 164 17.30 18.52 12.52
C LEU B 164 17.34 17.30 11.61
N TYR B 165 17.48 17.52 10.30
CA TYR B 165 17.60 16.41 9.37
C TYR B 165 18.82 15.55 9.70
N LYS B 166 19.94 16.18 10.04
CA LYS B 166 21.16 15.43 10.34
C LYS B 166 21.03 14.59 11.61
N LEU B 167 20.01 14.82 12.43
CA LEU B 167 19.83 14.04 13.65
C LEU B 167 19.22 12.66 13.38
N LEU B 168 18.66 12.44 12.20
CA LEU B 168 18.00 11.18 11.88
C LEU B 168 18.92 10.17 11.21
N SER B 169 20.09 10.59 10.76
CA SER B 169 21.04 9.68 10.12
C SER B 169 22.43 9.90 10.68
N PRO B 170 23.17 8.82 10.95
CA PRO B 170 24.58 9.00 11.33
C PRO B 170 25.45 9.48 10.18
N LYS B 171 24.97 9.37 8.94
CA LYS B 171 25.69 9.86 7.77
C LYS B 171 25.15 11.22 7.35
N GLN B 172 26.05 12.05 6.83
CA GLN B 172 25.69 13.37 6.35
C GLN B 172 24.78 13.24 5.12
N PRO B 173 23.59 13.82 5.14
CA PRO B 173 22.72 13.74 3.96
C PRO B 173 23.30 14.53 2.80
N LEU B 174 22.90 14.12 1.59
CA LEU B 174 23.33 14.75 0.35
C LEU B 174 22.12 15.35 -0.35
N LEU B 175 22.29 16.56 -0.87
CA LEU B 175 21.27 17.19 -1.68
C LEU B 175 21.53 16.97 -3.16
N ARG B 176 20.49 17.22 -3.97
CA ARG B 176 20.57 16.95 -5.39
C ARG B 176 21.71 17.72 -6.05
N ALA B 177 21.98 18.94 -5.57
CA ALA B 177 23.01 19.75 -6.20
C ALA B 177 24.41 19.20 -6.01
N GLN B 178 24.61 18.37 -4.99
CA GLN B 178 25.93 17.80 -4.72
C GLN B 178 26.24 16.57 -5.57
N LEU B 179 25.24 16.00 -6.24
CA LEU B 179 25.47 14.76 -6.99
C LEU B 179 26.27 15.01 -8.27
N LYS B 180 26.19 16.22 -8.82
CA LYS B 180 26.96 16.52 -10.03
C LYS B 180 28.45 16.43 -9.76
N ALA B 181 28.88 16.75 -8.54
CA ALA B 181 30.30 16.69 -8.20
C ALA B 181 30.78 15.27 -7.98
N LEU B 182 29.88 14.34 -7.67
CA LEU B 182 30.28 12.95 -7.47
C LEU B 182 30.58 12.23 -8.77
N GLY B 183 30.02 12.67 -9.88
CA GLY B 183 30.24 12.05 -11.16
C GLY B 183 29.06 12.28 -12.09
N ARG B 184 29.31 12.06 -13.38
CA ARG B 184 28.27 12.28 -14.38
C ARG B 184 27.19 11.21 -14.29
N LEU B 185 27.59 9.98 -14.00
CA LEU B 185 26.66 8.86 -13.88
C LEU B 185 26.88 8.19 -12.53
N LEU B 186 25.86 8.23 -11.68
CA LEU B 186 25.90 7.63 -10.37
C LEU B 186 24.97 6.42 -10.31
N CYS B 187 25.42 5.35 -9.66
CA CYS B 187 24.70 4.08 -9.59
C CYS B 187 24.65 3.59 -8.15
N PHE B 188 23.44 3.33 -7.66
CA PHE B 188 23.24 2.85 -6.30
C PHE B 188 23.14 1.33 -6.32
N SER B 189 24.05 0.68 -5.60
CA SER B 189 23.94 -0.77 -5.44
C SER B 189 22.69 -1.15 -4.66
N HIS B 190 22.20 -0.28 -3.80
CA HIS B 190 21.04 -0.58 -2.95
C HIS B 190 20.41 0.75 -2.58
N ALA B 191 19.22 1.02 -3.10
CA ALA B 191 18.55 2.29 -2.85
C ALA B 191 17.08 2.05 -2.51
N PHE B 192 16.57 2.84 -1.58
CA PHE B 192 15.15 2.86 -1.25
C PHE B 192 14.58 4.22 -1.63
N VAL B 193 13.38 4.22 -2.18
CA VAL B 193 12.77 5.44 -2.72
C VAL B 193 11.37 5.59 -2.13
N GLY B 194 11.10 6.77 -1.58
CA GLY B 194 9.78 7.11 -1.08
C GLY B 194 9.77 7.26 0.43
N LEU B 195 8.66 7.83 0.91
CA LEU B 195 8.43 8.01 2.34
C LEU B 195 7.06 7.51 2.72
N SER B 196 6.97 6.85 3.87
CA SER B 196 5.69 6.41 4.41
C SER B 196 4.83 7.61 4.79
N LYS B 197 3.53 7.50 4.54
CA LYS B 197 2.58 8.52 4.96
C LYS B 197 1.86 8.15 6.24
N VAL B 198 2.31 7.10 6.93
CA VAL B 198 1.55 6.56 8.05
C VAL B 198 1.51 7.53 9.23
N THR B 199 2.50 8.43 9.35
CA THR B 199 2.53 9.36 10.46
C THR B 199 1.89 10.70 10.15
N THR B 200 1.38 10.90 8.93
CA THR B 200 0.79 12.18 8.58
C THR B 200 -0.59 12.34 9.24
N TRP B 201 -0.95 13.59 9.51
CA TRP B 201 -2.27 13.86 10.07
C TRP B 201 -2.96 15.07 9.44
N TYR B 202 -2.35 15.72 8.46
CA TYR B 202 -2.91 16.96 7.92
C TYR B 202 -2.62 17.06 6.43
N GLN B 203 -3.60 17.54 5.68
CA GLN B 203 -3.45 17.84 4.25
C GLN B 203 -3.64 19.33 4.05
N TYR B 204 -2.79 19.91 3.21
CA TYR B 204 -2.62 21.37 3.18
C TYR B 204 -3.59 22.08 2.25
N GLY B 205 -4.41 21.35 1.49
CA GLY B 205 -5.49 22.00 0.78
C GLY B 205 -5.31 22.19 -0.71
N PHE B 206 -4.78 21.18 -1.39
CA PHE B 206 -4.57 21.27 -2.84
C PHE B 206 -5.81 20.90 -3.64
N VAL B 207 -6.62 19.95 -3.17
CA VAL B 207 -7.85 19.59 -3.86
C VAL B 207 -9.09 20.10 -3.14
N GLN B 208 -9.10 20.16 -1.82
CA GLN B 208 -10.19 20.67 -1.02
C GLN B 208 -9.58 21.48 0.11
N PRO B 209 -10.33 22.41 0.71
CA PRO B 209 -9.77 23.25 1.77
C PRO B 209 -9.03 22.44 2.83
N GLN B 210 -7.97 23.04 3.37
CA GLN B 210 -7.05 22.33 4.24
C GLN B 210 -7.76 21.82 5.49
N GLY B 211 -7.26 20.72 6.02
CA GLY B 211 -7.84 20.10 7.19
C GLY B 211 -7.10 18.83 7.57
N PRO B 212 -7.62 18.10 8.56
CA PRO B 212 -6.99 16.83 8.94
C PRO B 212 -7.19 15.79 7.86
N LYS B 213 -6.18 14.93 7.70
CA LYS B 213 -6.29 13.82 6.77
C LYS B 213 -7.39 12.88 7.23
N ALA B 214 -8.06 12.25 6.26
CA ALA B 214 -9.33 11.57 6.53
C ALA B 214 -9.14 10.39 7.49
N ASN B 215 -8.16 9.54 7.22
CA ASN B 215 -7.95 8.32 7.99
C ASN B 215 -6.55 8.36 8.59
N ILE B 216 -6.44 8.89 9.81
CA ILE B 216 -5.16 9.03 10.48
C ILE B 216 -4.75 7.67 11.02
N LEU B 217 -3.51 7.27 10.73
CA LEU B 217 -2.99 5.96 11.07
C LEU B 217 -1.93 6.01 12.15
N VAL B 218 -1.78 7.14 12.84
CA VAL B 218 -0.74 7.34 13.84
C VAL B 218 -1.38 7.88 15.10
N SER B 219 -0.91 7.41 16.24
CA SER B 219 -1.40 7.85 17.54
C SER B 219 -0.31 8.64 18.26
N GLY B 220 -0.67 9.19 19.42
CA GLY B 220 0.27 9.97 20.20
C GLY B 220 1.47 9.18 20.68
N ASN B 221 1.32 7.86 20.80
CA ASN B 221 2.42 7.03 21.25
C ASN B 221 3.59 7.08 20.27
N GLU B 222 3.29 6.89 18.98
CA GLU B 222 4.35 6.91 17.97
C GLU B 222 4.95 8.30 17.82
N ILE B 223 4.15 9.34 18.07
CA ILE B 223 4.69 10.70 18.07
C ILE B 223 5.70 10.86 19.21
N ARG B 224 5.33 10.37 20.40
CA ARG B 224 6.20 10.56 21.57
C ARG B 224 7.45 9.70 21.49
N GLN B 225 7.37 8.52 20.88
CA GLN B 225 8.57 7.71 20.69
C GLN B 225 9.55 8.43 19.77
N PHE B 226 9.03 9.12 18.75
CA PHE B 226 9.87 9.93 17.87
C PHE B 226 10.43 11.13 18.62
N ALA B 227 9.60 11.80 19.43
CA ALA B 227 10.06 12.96 20.18
C ALA B 227 11.10 12.56 21.21
N HIS B 228 10.93 11.40 21.83
CA HIS B 228 11.92 10.90 22.78
C HIS B 228 13.26 10.66 22.12
N PHE B 229 13.26 10.31 20.82
CA PHE B 229 14.50 10.07 20.10
C PHE B 229 15.22 11.39 19.80
N LEU B 230 14.48 12.40 19.35
CA LEU B 230 15.10 13.70 19.08
C LEU B 230 15.64 14.32 20.36
N MET B 231 14.92 14.16 21.47
CA MET B 231 15.37 14.73 22.74
C MET B 231 16.70 14.13 23.16
N GLU B 232 16.90 12.84 22.90
CA GLU B 232 18.18 12.22 23.21
C GLU B 232 19.29 12.75 22.29
N LYS B 233 19.02 12.84 20.99
CA LYS B 233 20.03 13.33 20.07
C LYS B 233 20.30 14.82 20.24
N LEU B 234 19.36 15.56 20.83
CA LEU B 234 19.57 16.95 21.22
C LEU B 234 20.04 17.09 22.66
N ASN B 235 20.33 15.97 23.33
CA ASN B 235 20.76 15.95 24.73
C ASN B 235 19.79 16.73 25.63
N VAL B 236 18.49 16.51 25.41
CA VAL B 236 17.48 17.13 26.26
C VAL B 236 16.94 16.10 27.25
N GLU B 245 8.25 24.45 40.30
CA GLU B 245 8.76 25.20 39.16
C GLU B 245 7.99 24.86 37.89
N GLU B 246 6.76 24.39 38.06
CA GLU B 246 5.85 24.24 36.93
C GLU B 246 5.51 25.60 36.36
N TYR B 247 5.31 25.66 35.05
CA TYR B 247 5.17 26.96 34.40
C TYR B 247 4.26 26.85 33.19
N ILE B 248 3.80 28.02 32.74
CA ILE B 248 3.07 28.16 31.49
C ILE B 248 4.00 28.86 30.49
N LEU B 249 4.07 28.35 29.27
CA LEU B 249 4.99 28.84 28.27
C LEU B 249 4.23 29.56 27.17
N VAL B 250 4.69 30.77 26.81
CA VAL B 250 4.15 31.50 25.68
C VAL B 250 5.19 31.48 24.56
N PHE B 251 4.81 30.92 23.42
CA PHE B 251 5.69 30.83 22.26
C PHE B 251 5.55 32.11 21.44
N SER B 252 6.58 32.94 21.47
CA SER B 252 6.54 34.26 20.86
C SER B 252 7.01 34.22 19.41
N ARG B 253 6.41 35.09 18.59
CA ARG B 253 6.92 35.42 17.26
C ARG B 253 7.49 36.82 17.29
N THR B 254 8.63 37.01 16.62
CA THR B 254 9.32 38.29 16.64
C THR B 254 9.36 39.02 15.30
N GLN B 255 9.01 38.37 14.20
CA GLN B 255 9.07 38.98 12.88
C GLN B 255 7.70 39.35 12.33
N ASN B 256 6.75 38.43 12.31
CA ASN B 256 5.40 38.74 11.87
C ASN B 256 4.40 37.89 12.65
N ARG B 257 3.14 38.35 12.64
CA ARG B 257 2.05 37.72 13.38
C ARG B 257 2.38 37.68 14.87
N LEU B 258 2.52 38.88 15.44
CA LEU B 258 2.99 39.03 16.81
C LEU B 258 1.83 39.33 17.75
N ILE B 259 1.99 38.90 19.00
CA ILE B 259 1.08 39.30 20.07
C ILE B 259 1.55 40.66 20.58
N LEU B 260 0.71 41.68 20.43
CA LEU B 260 1.12 43.04 20.75
C LEU B 260 1.30 43.23 22.24
N ASN B 261 0.34 42.75 23.03
CA ASN B 261 0.35 42.95 24.49
C ASN B 261 0.90 41.74 25.21
N GLU B 262 2.09 41.26 24.81
CA GLU B 262 2.68 40.08 25.43
C GLU B 262 2.75 40.23 26.94
N ALA B 263 3.21 41.40 27.41
CA ALA B 263 3.36 41.61 28.84
C ALA B 263 2.01 41.57 29.55
N GLU B 264 0.98 42.20 28.97
CA GLU B 264 -0.35 42.14 29.59
C GLU B 264 -0.83 40.70 29.70
N LEU B 265 -0.74 39.94 28.61
CA LEU B 265 -1.12 38.54 28.61
C LEU B 265 -0.30 37.73 29.62
N LEU B 266 1.00 38.05 29.72
CA LEU B 266 1.94 37.19 30.42
C LEU B 266 1.69 37.18 31.92
N LEU B 267 1.37 38.34 32.49
CA LEU B 267 1.01 38.44 33.91
C LEU B 267 -0.41 37.96 34.19
N ALA B 268 -1.32 38.07 33.21
CA ALA B 268 -2.69 37.61 33.42
C ALA B 268 -2.72 36.12 33.67
N LEU B 269 -1.96 35.34 32.90
CA LEU B 269 -1.89 33.90 33.13
C LEU B 269 -1.19 33.58 34.44
N ALA B 270 -0.24 34.41 34.85
CA ALA B 270 0.31 34.28 36.20
C ALA B 270 -0.77 34.52 37.25
N GLN B 271 -1.61 35.54 37.03
CA GLN B 271 -2.66 35.85 38.00
C GLN B 271 -3.77 34.81 37.95
N GLU B 272 -4.29 34.52 36.75
CA GLU B 272 -5.47 33.67 36.63
C GLU B 272 -5.16 32.23 37.03
N PHE B 273 -3.95 31.76 36.74
CA PHE B 273 -3.50 30.44 37.15
C PHE B 273 -2.53 30.59 38.32
N GLN B 274 -1.62 29.63 38.47
CA GLN B 274 -0.79 29.57 39.65
C GLN B 274 0.57 30.26 39.46
N MET B 275 1.48 29.64 38.70
CA MET B 275 2.90 29.92 38.82
C MET B 275 3.42 30.64 37.57
N LYS B 276 4.72 30.49 37.30
CA LYS B 276 5.39 31.30 36.29
C LYS B 276 4.73 31.15 34.93
N THR B 277 4.87 32.19 34.13
CA THR B 277 4.65 32.10 32.69
C THR B 277 5.86 32.76 32.04
N VAL B 278 6.69 31.96 31.37
CA VAL B 278 7.87 32.50 30.70
C VAL B 278 7.56 32.59 29.22
N THR B 279 8.54 33.00 28.42
CA THR B 279 8.36 33.11 26.98
C THR B 279 9.51 32.42 26.27
N VAL B 280 9.24 31.95 25.04
CA VAL B 280 10.23 31.26 24.22
C VAL B 280 10.04 31.68 22.77
N SER B 281 11.11 31.53 21.99
CA SER B 281 11.12 31.99 20.61
C SER B 281 12.09 31.13 19.80
N LEU B 282 11.74 30.94 18.53
CA LEU B 282 12.64 30.20 17.63
C LEU B 282 13.91 30.99 17.34
N GLU B 283 13.84 32.32 17.41
CA GLU B 283 14.94 33.16 16.98
C GLU B 283 16.00 33.35 18.06
N ASP B 284 15.61 33.38 19.34
CA ASP B 284 16.49 33.81 20.41
C ASP B 284 17.03 32.65 21.26
N HIS B 285 16.55 31.43 21.06
CA HIS B 285 17.10 30.27 21.74
C HIS B 285 17.65 29.28 20.72
N ALA B 286 18.58 28.45 21.17
CA ALA B 286 18.92 27.26 20.43
C ALA B 286 17.75 26.28 20.50
N PHE B 287 17.54 25.53 19.41
CA PHE B 287 16.39 24.64 19.37
C PHE B 287 16.39 23.65 20.52
N ALA B 288 17.58 23.25 20.98
CA ALA B 288 17.67 22.34 22.12
C ALA B 288 17.05 22.95 23.37
N ASP B 289 17.21 24.26 23.55
CA ASP B 289 16.57 24.92 24.68
C ASP B 289 15.07 25.13 24.43
N VAL B 290 14.66 25.30 23.18
CA VAL B 290 13.24 25.43 22.88
C VAL B 290 12.52 24.13 23.18
N VAL B 291 13.09 23.00 22.77
CA VAL B 291 12.50 21.69 23.07
C VAL B 291 12.50 21.46 24.58
N ARG B 292 13.57 21.86 25.26
CA ARG B 292 13.68 21.65 26.69
C ARG B 292 12.60 22.43 27.44
N LEU B 293 12.34 23.66 27.03
CA LEU B 293 11.33 24.47 27.70
C LEU B 293 9.92 23.95 27.41
N VAL B 294 9.67 23.55 26.16
CA VAL B 294 8.40 22.91 25.84
C VAL B 294 8.30 21.54 26.52
N SER B 295 9.45 20.92 26.83
CA SER B 295 9.44 19.56 27.36
C SER B 295 8.78 19.50 28.73
N ASN B 296 8.96 20.52 29.56
CA ASN B 296 8.41 20.49 30.92
C ASN B 296 7.38 21.60 31.14
N ALA B 297 6.73 22.05 30.06
CA ALA B 297 5.72 23.09 30.15
C ALA B 297 4.38 22.45 30.47
N SER B 298 3.77 22.90 31.57
CA SER B 298 2.43 22.42 31.91
C SER B 298 1.36 22.96 30.96
N MET B 299 1.70 23.99 30.19
CA MET B 299 0.74 24.65 29.30
C MET B 299 1.51 25.55 28.33
N LEU B 300 1.15 25.49 27.06
CA LEU B 300 1.79 26.29 26.02
C LEU B 300 0.75 27.14 25.32
N VAL B 301 0.90 28.46 25.41
CA VAL B 301 0.09 29.42 24.68
C VAL B 301 0.91 29.96 23.53
N SER B 302 0.29 30.12 22.37
CA SER B 302 1.03 30.60 21.21
C SER B 302 0.06 30.95 20.08
N MET B 303 0.50 31.85 19.21
CA MET B 303 -0.26 32.18 18.02
C MET B 303 -0.06 31.11 16.95
N HIS B 304 -1.08 30.98 16.09
CA HIS B 304 -1.04 29.99 15.02
C HIS B 304 0.19 30.20 14.15
N GLY B 305 1.02 29.16 14.04
CA GLY B 305 2.24 29.25 13.27
C GLY B 305 3.02 27.95 13.40
N ALA B 306 4.09 27.87 12.59
CA ALA B 306 4.85 26.62 12.50
C ALA B 306 5.48 26.24 13.84
N GLN B 307 5.74 27.23 14.70
CA GLN B 307 6.37 26.92 15.99
C GLN B 307 5.46 26.06 16.86
N LEU B 308 4.16 26.11 16.64
CA LEU B 308 3.24 25.30 17.44
C LEU B 308 3.37 23.80 17.17
N VAL B 309 4.09 23.41 16.11
CA VAL B 309 4.31 22.00 15.87
C VAL B 309 5.17 21.38 16.97
N THR B 310 5.93 22.19 17.71
CA THR B 310 6.72 21.68 18.82
C THR B 310 5.87 21.23 20.00
N ALA B 311 4.55 21.30 19.89
CA ALA B 311 3.69 20.76 20.93
C ALA B 311 3.80 19.24 21.04
N LEU B 312 4.38 18.58 20.04
CA LEU B 312 4.61 17.14 20.15
C LEU B 312 5.59 16.81 21.27
N PHE B 313 6.38 17.79 21.72
CA PHE B 313 7.29 17.61 22.84
C PHE B 313 6.65 17.90 24.18
N LEU B 314 5.39 18.36 24.20
CA LEU B 314 4.75 18.70 25.45
C LEU B 314 4.54 17.45 26.30
N PRO B 315 4.70 17.55 27.62
CA PRO B 315 4.52 16.36 28.46
C PRO B 315 3.07 15.94 28.50
N ARG B 316 2.87 14.64 28.74
CA ARG B 316 1.51 14.10 28.86
C ARG B 316 0.71 14.91 29.86
N GLY B 317 -0.42 15.45 29.42
CA GLY B 317 -1.32 16.18 30.29
C GLY B 317 -1.29 17.69 30.15
N ALA B 318 -0.46 18.23 29.26
CA ALA B 318 -0.39 19.68 29.10
C ALA B 318 -1.58 20.20 28.30
N ALA B 319 -1.68 21.53 28.23
CA ALA B 319 -2.73 22.19 27.47
C ALA B 319 -2.11 23.04 26.37
N VAL B 320 -2.76 23.04 25.21
CA VAL B 320 -2.35 23.86 24.08
C VAL B 320 -3.40 24.93 23.87
N VAL B 321 -2.99 26.19 23.89
CA VAL B 321 -3.87 27.33 23.66
C VAL B 321 -3.40 28.04 22.40
N GLU B 322 -4.20 27.96 21.35
CA GLU B 322 -3.87 28.53 20.04
C GLU B 322 -4.71 29.77 19.79
N LEU B 323 -4.05 30.90 19.59
CA LEU B 323 -4.71 32.17 19.32
C LEU B 323 -4.77 32.41 17.82
N PHE B 324 -5.89 32.96 17.36
CA PHE B 324 -6.10 33.17 15.95
C PHE B 324 -6.35 34.64 15.63
N PRO B 325 -5.78 35.17 14.54
CA PRO B 325 -6.07 36.55 14.13
C PRO B 325 -7.56 36.83 13.99
N TYR B 326 -7.89 38.11 13.78
CA TYR B 326 -9.27 38.56 13.94
C TYR B 326 -10.22 37.93 12.93
N ALA B 327 -9.76 37.67 11.71
CA ALA B 327 -10.65 37.24 10.63
C ALA B 327 -10.43 35.78 10.21
N VAL B 328 -9.76 34.98 11.03
CA VAL B 328 -9.48 33.59 10.69
C VAL B 328 -10.25 32.69 11.66
N ASN B 329 -10.89 31.68 11.11
CA ASN B 329 -11.69 30.77 11.92
C ASN B 329 -10.79 29.69 12.52
N PRO B 330 -10.81 29.49 13.84
CA PRO B 330 -9.96 28.45 14.44
C PRO B 330 -10.23 27.05 13.92
N ASP B 331 -11.45 26.78 13.46
CA ASP B 331 -11.82 25.45 12.99
C ASP B 331 -11.52 25.24 11.51
N HIS B 332 -11.02 26.25 10.82
CA HIS B 332 -10.67 26.11 9.40
C HIS B 332 -9.20 25.77 9.19
N TYR B 333 -8.36 25.93 10.22
CA TYR B 333 -6.92 25.73 10.12
C TYR B 333 -6.47 24.98 11.37
N THR B 334 -6.50 23.65 11.29
CA THR B 334 -6.29 22.83 12.48
C THR B 334 -5.14 21.83 12.36
N PRO B 335 -3.94 22.24 11.92
CA PRO B 335 -2.83 21.27 11.93
C PRO B 335 -2.33 20.95 13.33
N TYR B 336 -2.45 21.88 14.26
CA TYR B 336 -2.01 21.69 15.63
C TYR B 336 -3.14 21.28 16.57
N LYS B 337 -4.38 21.67 16.26
CA LYS B 337 -5.51 21.05 16.93
C LYS B 337 -5.57 19.56 16.65
N THR B 338 -5.34 19.16 15.40
CA THR B 338 -5.31 17.74 15.07
C THR B 338 -4.14 17.04 15.77
N LEU B 339 -3.00 17.71 15.88
CA LEU B 339 -1.87 17.13 16.59
C LEU B 339 -2.16 17.00 18.08
N ALA B 340 -2.74 18.05 18.68
CA ALA B 340 -2.95 18.03 20.12
C ALA B 340 -4.03 17.04 20.52
N THR B 341 -5.08 16.92 19.72
CA THR B 341 -6.20 16.04 20.01
C THR B 341 -6.04 14.65 19.41
N LEU B 342 -4.86 14.29 18.95
CA LEU B 342 -4.63 12.93 18.50
C LEU B 342 -4.80 11.97 19.68
N PRO B 343 -5.39 10.78 19.46
CA PRO B 343 -5.48 9.80 20.54
C PRO B 343 -4.09 9.37 20.97
N GLY B 344 -3.90 9.29 22.29
CA GLY B 344 -2.61 8.97 22.85
C GLY B 344 -1.72 10.16 23.12
N MET B 345 -2.06 11.33 22.59
CA MET B 345 -1.30 12.53 22.90
C MET B 345 -1.60 13.05 24.29
N ASP B 346 -2.85 12.89 24.75
CA ASP B 346 -3.25 13.28 26.10
C ASP B 346 -2.93 14.74 26.38
N LEU B 347 -3.35 15.61 25.46
CA LEU B 347 -3.18 17.04 25.60
C LEU B 347 -4.55 17.72 25.53
N GLN B 348 -4.71 18.78 26.31
CA GLN B 348 -5.88 19.63 26.21
C GLN B 348 -5.63 20.66 25.12
N TYR B 349 -6.66 20.94 24.32
CA TYR B 349 -6.57 21.92 23.26
C TYR B 349 -7.58 23.04 23.51
N ILE B 350 -7.11 24.27 23.45
CA ILE B 350 -7.94 25.46 23.65
C ILE B 350 -7.71 26.39 22.47
N ALA B 351 -8.78 26.85 21.85
CA ALA B 351 -8.69 27.78 20.74
C ALA B 351 -9.38 29.09 21.09
N TRP B 352 -8.82 30.18 20.57
CA TRP B 352 -9.36 31.52 20.80
C TRP B 352 -9.21 32.33 19.53
N GLN B 353 -10.28 33.03 19.16
CA GLN B 353 -10.28 33.90 17.99
C GLN B 353 -10.55 35.34 18.42
N ASN B 354 -9.82 36.27 17.83
CA ASN B 354 -10.05 37.67 18.10
C ASN B 354 -11.34 38.12 17.43
N THR B 355 -12.33 38.51 18.22
CA THR B 355 -13.58 39.01 17.68
C THR B 355 -13.72 40.52 17.78
N MET B 356 -12.89 41.17 18.61
CA MET B 356 -12.93 42.62 18.77
C MET B 356 -12.02 43.24 17.71
N PRO B 357 -12.57 43.88 16.67
CA PRO B 357 -11.70 44.35 15.58
C PRO B 357 -10.82 45.52 15.97
N GLU B 358 -11.10 46.20 17.08
CA GLU B 358 -10.21 47.28 17.51
C GLU B 358 -8.83 46.75 17.88
N ASN B 359 -8.74 45.49 18.26
CA ASN B 359 -7.52 44.90 18.81
C ASN B 359 -6.65 44.22 17.76
N THR B 360 -6.91 44.42 16.48
CA THR B 360 -6.06 43.89 15.42
C THR B 360 -5.53 45.03 14.57
N VAL B 361 -4.24 45.02 14.30
CA VAL B 361 -3.61 45.95 13.37
C VAL B 361 -3.14 45.17 12.16
N THR B 362 -3.28 45.76 10.97
CA THR B 362 -2.98 45.08 9.72
C THR B 362 -2.04 45.92 8.87
N HIS B 363 -1.38 45.24 7.93
CA HIS B 363 -0.32 45.83 7.12
C HIS B 363 -0.67 45.63 5.65
N PRO B 364 -1.49 46.52 5.08
CA PRO B 364 -1.99 46.28 3.71
C PRO B 364 -0.92 46.43 2.63
N GLU B 365 0.20 47.08 2.90
CA GLU B 365 1.18 47.37 1.86
C GLU B 365 2.54 46.72 2.13
N ARG B 366 2.52 45.57 2.78
CA ARG B 366 3.62 44.62 2.68
C ARG B 366 3.51 43.89 1.34
N PRO B 367 4.60 43.30 0.85
CA PRO B 367 4.56 42.72 -0.51
C PRO B 367 3.77 41.42 -0.61
N TRP B 368 3.89 40.77 -1.77
CA TRP B 368 3.10 39.58 -2.11
C TRP B 368 3.17 38.53 -1.01
N ASP B 369 4.39 38.19 -0.57
CA ASP B 369 4.61 36.98 0.21
C ASP B 369 4.22 37.10 1.68
N GLN B 370 3.92 38.31 2.18
CA GLN B 370 3.52 38.47 3.56
C GLN B 370 2.20 39.22 3.67
N GLY B 371 1.33 39.09 2.67
CA GLY B 371 0.01 39.65 2.72
C GLY B 371 -0.07 41.07 2.21
N GLY B 372 -1.26 41.63 2.31
CA GLY B 372 -1.46 42.99 1.86
C GLY B 372 -2.37 43.06 0.65
N ILE B 373 -3.18 44.11 0.58
CA ILE B 373 -4.13 44.30 -0.52
C ILE B 373 -3.44 45.01 -1.68
N ALA B 374 -2.12 45.14 -1.59
CA ALA B 374 -1.31 45.68 -2.67
C ALA B 374 -1.42 44.82 -3.93
N HIS B 375 -1.33 45.50 -5.08
CA HIS B 375 -1.30 44.87 -6.40
C HIS B 375 -2.62 44.21 -6.75
N LEU B 376 -3.66 44.40 -5.94
CA LEU B 376 -4.99 43.89 -6.23
C LEU B 376 -5.93 45.03 -6.56
N ASP B 377 -7.03 44.71 -7.23
CA ASP B 377 -8.00 45.70 -7.62
C ASP B 377 -8.58 46.40 -6.41
N ARG B 378 -8.86 47.70 -6.55
CA ARG B 378 -9.45 48.45 -5.44
C ARG B 378 -10.81 47.87 -5.04
N ALA B 379 -11.55 47.32 -6.00
CA ALA B 379 -12.80 46.65 -5.68
C ALA B 379 -12.56 45.36 -4.92
N GLU B 380 -11.52 44.62 -5.30
CA GLU B 380 -11.15 43.43 -4.54
C GLU B 380 -10.67 43.79 -3.14
N GLN B 381 -9.98 44.93 -3.00
CA GLN B 381 -9.61 45.39 -1.67
C GLN B 381 -10.84 45.52 -0.78
N ALA B 382 -11.82 46.34 -1.20
CA ALA B 382 -12.98 46.64 -0.37
C ALA B 382 -13.63 45.37 0.17
N ARG B 383 -13.76 44.33 -0.66
CA ARG B 383 -14.33 43.08 -0.18
C ARG B 383 -13.46 42.45 0.90
N ILE B 384 -12.14 42.55 0.76
CA ILE B 384 -11.24 42.09 1.81
C ILE B 384 -11.36 42.99 3.04
N LEU B 385 -11.49 44.31 2.81
CA LEU B 385 -11.72 45.24 3.91
C LEU B 385 -12.98 44.93 4.70
N GLN B 386 -13.98 44.31 4.06
CA GLN B 386 -15.31 44.15 4.65
C GLN B 386 -15.52 42.81 5.33
N SER B 387 -15.00 41.72 4.75
CA SER B 387 -15.31 40.38 5.26
C SER B 387 -14.76 40.20 6.67
N ARG B 388 -15.62 39.77 7.58
CA ARG B 388 -15.24 39.49 8.96
C ARG B 388 -14.63 38.10 9.11
N GLU B 389 -14.49 37.35 8.01
CA GLU B 389 -14.13 35.95 8.03
C GLU B 389 -13.46 35.62 6.72
N VAL B 390 -12.26 35.07 6.77
CA VAL B 390 -11.65 34.65 5.50
C VAL B 390 -12.38 33.41 4.99
N PRO B 391 -12.82 33.39 3.74
CA PRO B 391 -13.61 32.24 3.26
C PRO B 391 -12.75 31.00 3.09
N ARG B 392 -13.43 29.87 2.99
CA ARG B 392 -12.76 28.61 2.74
C ARG B 392 -12.20 28.62 1.32
N HIS B 393 -10.93 28.22 1.19
CA HIS B 393 -10.20 28.44 -0.05
C HIS B 393 -9.23 27.28 -0.30
N LEU B 394 -8.77 27.20 -1.54
CA LEU B 394 -7.74 26.25 -1.93
C LEU B 394 -6.35 26.84 -1.67
N CYS B 395 -5.35 25.97 -1.68
CA CYS B 395 -4.06 26.35 -1.12
C CYS B 395 -3.29 27.33 -2.01
N CYS B 396 -2.37 28.02 -1.36
CA CYS B 396 -1.14 28.55 -1.92
C CYS B 396 -1.31 29.85 -2.69
N ARG B 397 -2.44 30.54 -2.58
CA ARG B 397 -2.60 31.74 -3.40
C ARG B 397 -3.61 32.76 -2.90
N ASN B 398 -4.20 32.57 -1.73
CA ASN B 398 -5.29 33.48 -1.36
C ASN B 398 -4.77 34.74 -0.71
N PRO B 399 -5.02 35.92 -1.29
CA PRO B 399 -4.53 37.16 -0.69
C PRO B 399 -5.22 37.50 0.61
N GLU B 400 -6.51 37.18 0.74
CA GLU B 400 -7.23 37.48 1.98
C GLU B 400 -6.68 36.65 3.13
N TRP B 401 -6.45 35.35 2.89
CA TRP B 401 -5.89 34.49 3.93
C TRP B 401 -4.52 34.99 4.37
N LEU B 402 -3.63 35.25 3.41
CA LEU B 402 -2.32 35.79 3.74
C LEU B 402 -2.44 37.13 4.46
N PHE B 403 -3.30 38.01 3.94
CA PHE B 403 -3.46 39.33 4.53
C PHE B 403 -4.02 39.26 5.95
N ARG B 404 -4.95 38.35 6.19
CA ARG B 404 -5.56 38.25 7.51
C ARG B 404 -4.74 37.40 8.48
N ILE B 405 -3.86 36.53 7.97
CA ILE B 405 -3.06 35.69 8.86
C ILE B 405 -1.76 36.35 9.30
N TYR B 406 -1.28 37.35 8.57
CA TYR B 406 -0.04 38.03 8.93
C TYR B 406 -0.30 39.36 9.64
N GLN B 407 -1.52 39.58 10.11
CA GLN B 407 -1.80 40.75 10.92
C GLN B 407 -1.47 40.47 12.39
N ASP B 408 -1.06 41.51 13.09
CA ASP B 408 -0.75 41.41 14.51
C ASP B 408 -2.00 41.74 15.33
N THR B 409 -2.11 41.09 16.49
CA THR B 409 -3.35 41.10 17.26
C THR B 409 -3.09 41.52 18.69
N LYS B 410 -3.93 42.41 19.20
CA LYS B 410 -3.96 42.72 20.63
C LYS B 410 -4.92 41.73 21.29
N VAL B 411 -4.37 40.78 22.04
CA VAL B 411 -5.20 39.73 22.62
C VAL B 411 -6.07 40.33 23.71
N ASP B 412 -7.39 40.18 23.58
CA ASP B 412 -8.32 40.60 24.62
C ASP B 412 -8.22 39.60 25.76
N ILE B 413 -7.42 39.94 26.78
CA ILE B 413 -7.28 39.06 27.93
C ILE B 413 -8.61 38.65 28.53
N PRO B 414 -9.59 39.55 28.73
CA PRO B 414 -10.86 39.09 29.32
C PRO B 414 -11.55 37.99 28.53
N SER B 415 -11.53 38.09 27.20
CA SER B 415 -12.22 37.09 26.38
C SER B 415 -11.50 35.75 26.42
N LEU B 416 -10.17 35.76 26.44
CA LEU B 416 -9.42 34.51 26.33
C LEU B 416 -9.40 33.73 27.64
N ILE B 417 -9.22 34.42 28.77
CA ILE B 417 -9.13 33.73 30.06
C ILE B 417 -10.39 32.91 30.33
N GLN B 418 -11.55 33.39 29.89
CA GLN B 418 -12.76 32.60 30.01
C GLN B 418 -12.64 31.31 29.19
N THR B 419 -12.08 31.40 27.99
CA THR B 419 -12.02 30.23 27.11
C THR B 419 -11.16 29.13 27.70
N ILE B 420 -10.01 29.48 28.30
CA ILE B 420 -9.16 28.47 28.89
C ILE B 420 -9.84 27.82 30.08
N ARG B 421 -10.54 28.61 30.89
CA ARG B 421 -11.15 28.09 32.11
C ARG B 421 -12.27 27.09 31.83
N ARG B 422 -12.89 27.14 30.65
CA ARG B 422 -13.89 26.14 30.30
C ARG B 422 -13.28 24.75 30.19
N VAL B 423 -12.06 24.68 29.65
CA VAL B 423 -11.40 23.39 29.45
C VAL B 423 -10.49 23.04 30.63
N VAL B 424 -9.78 24.02 31.17
CA VAL B 424 -8.89 23.81 32.32
C VAL B 424 -9.65 24.26 33.56
N LYS B 425 -10.14 23.29 34.33
CA LYS B 425 -10.99 23.59 35.48
C LYS B 425 -10.18 24.07 36.69
N GLY B 426 -8.98 23.55 36.88
CA GLY B 426 -8.17 23.95 38.02
C GLY B 426 -6.75 24.33 37.66
N HIS B 427 -5.77 23.59 38.17
CA HIS B 427 -4.37 23.84 37.85
C HIS B 427 -3.99 23.11 36.56
N PRO B 428 -3.46 23.82 35.57
CA PRO B 428 -3.10 23.15 34.31
C PRO B 428 -1.87 22.27 34.49
N GLY B 429 -1.71 21.34 33.54
CA GLY B 429 -0.59 20.44 33.54
C GLY B 429 -0.96 19.08 34.10
N PRO B 430 -0.03 18.13 34.02
CA PRO B 430 -0.34 16.76 34.43
C PRO B 430 -0.52 16.57 35.92
N ARG B 431 -0.03 17.51 36.73
CA ARG B 431 0.13 17.28 38.17
C ARG B 431 0.91 15.99 38.36
N LYS B 432 0.23 14.93 38.76
CA LYS B 432 0.81 13.59 38.79
C LYS B 432 -0.24 12.58 38.31
N GLN B 433 -0.82 12.86 37.15
CA GLN B 433 -1.89 12.03 36.61
C GLN B 433 -1.37 10.66 36.19
N LYS B 434 -2.29 9.71 36.07
CA LYS B 434 -1.95 8.35 35.68
C LYS B 434 -2.31 8.14 34.21
N TRP B 435 -1.40 7.52 33.47
CA TRP B 435 -1.63 7.20 32.06
C TRP B 435 -1.26 5.75 31.81
N THR B 436 -2.24 4.95 31.43
CA THR B 436 -2.06 3.56 31.08
C THR B 436 -2.47 3.34 29.63
N VAL B 437 -1.83 2.36 28.98
CA VAL B 437 -2.14 2.07 27.60
C VAL B 437 -3.55 1.49 27.50
N SER B 438 -4.29 1.92 26.49
CA SER B 438 -5.66 1.47 26.27
C SER B 438 -5.61 0.40 25.18
N LEU B 439 -5.86 -0.85 25.58
CA LEU B 439 -5.82 -1.98 24.67
C LEU B 439 -7.19 -2.65 24.61
N TYR B 440 -7.41 -3.43 23.56
CA TYR B 440 -8.72 -3.96 23.19
C TYR B 440 -8.85 -5.44 23.53
N PRO B 441 -10.07 -5.91 23.78
CA PRO B 441 -10.25 -7.33 24.10
C PRO B 441 -10.09 -8.21 22.88
N GLY B 442 -9.76 -9.47 23.13
CA GLY B 442 -9.76 -10.47 22.08
C GLY B 442 -11.16 -10.96 21.80
N LYS B 443 -11.26 -11.92 20.89
CA LYS B 443 -12.53 -12.57 20.65
C LYS B 443 -12.92 -13.44 21.85
N VAL B 444 -14.23 -13.51 22.14
CA VAL B 444 -14.69 -14.49 23.10
C VAL B 444 -14.50 -15.88 22.51
N ARG B 445 -14.20 -16.85 23.38
CA ARG B 445 -13.81 -18.18 22.94
C ARG B 445 -14.90 -19.20 23.26
N GLU B 446 -15.07 -20.17 22.35
CA GLU B 446 -15.92 -21.34 22.56
C GLU B 446 -17.37 -20.96 22.84
N ALA B 447 -17.92 -20.09 22.00
CA ALA B 447 -19.32 -19.71 22.14
C ALA B 447 -20.22 -20.90 21.79
N ARG B 448 -21.29 -21.07 22.58
CA ARG B 448 -22.20 -22.19 22.41
C ARG B 448 -23.64 -21.68 22.48
N CYS B 449 -24.57 -22.47 21.93
CA CYS B 449 -25.98 -22.18 22.19
C CYS B 449 -26.76 -23.47 22.26
N GLN B 450 -27.90 -23.38 22.97
CA GLN B 450 -28.89 -24.44 23.06
C GLN B 450 -30.25 -23.78 23.19
N ALA B 451 -31.27 -24.46 22.68
CA ALA B 451 -32.61 -23.90 22.61
C ALA B 451 -33.62 -24.85 23.22
N SER B 452 -34.76 -24.29 23.61
CA SER B 452 -35.88 -25.03 24.13
C SER B 452 -37.17 -24.39 23.65
N VAL B 453 -38.22 -25.21 23.51
CA VAL B 453 -39.52 -24.77 23.05
C VAL B 453 -40.56 -25.22 24.06
N GLN B 454 -41.31 -24.27 24.61
CA GLN B 454 -42.36 -24.57 25.56
C GLN B 454 -43.75 -24.57 24.93
N GLY B 455 -43.88 -24.03 23.73
CA GLY B 455 -45.14 -24.00 23.04
C GLY B 455 -44.94 -23.44 21.65
N ALA B 456 -46.03 -23.46 20.87
CA ALA B 456 -45.94 -22.95 19.51
C ALA B 456 -45.67 -21.46 19.41
N SER B 457 -45.61 -20.74 20.54
CA SER B 457 -45.23 -19.32 20.53
C SER B 457 -44.12 -18.97 21.50
N GLU B 458 -43.84 -19.79 22.50
CA GLU B 458 -42.74 -19.54 23.41
C GLU B 458 -41.51 -20.35 23.00
N ALA B 459 -40.33 -19.77 23.23
CA ALA B 459 -39.07 -20.44 22.95
C ALA B 459 -37.96 -19.72 23.72
N ARG B 460 -37.01 -20.50 24.23
CA ARG B 460 -35.89 -19.99 25.03
C ARG B 460 -34.58 -20.33 24.34
N LEU B 461 -33.72 -19.32 24.18
CA LEU B 461 -32.42 -19.48 23.51
C LEU B 461 -31.32 -19.09 24.49
N SER B 462 -30.47 -20.04 24.86
CA SER B 462 -29.40 -19.82 25.81
C SER B 462 -28.06 -19.78 25.09
N VAL B 463 -27.22 -18.81 25.47
CA VAL B 463 -25.90 -18.59 24.88
C VAL B 463 -24.87 -18.49 25.99
N SER B 464 -23.69 -19.05 25.77
CA SER B 464 -22.60 -18.96 26.74
C SER B 464 -21.27 -18.91 26.01
N TRP B 465 -20.26 -18.35 26.68
CA TRP B 465 -18.95 -18.18 26.06
C TRP B 465 -17.89 -17.99 27.15
N GLN B 466 -16.65 -18.23 26.76
CA GLN B 466 -15.50 -17.97 27.63
C GLN B 466 -14.93 -16.58 27.37
N ILE B 467 -14.21 -16.07 28.36
CA ILE B 467 -13.61 -14.74 28.30
C ILE B 467 -12.59 -14.71 27.16
N PRO B 468 -12.33 -13.55 26.57
CA PRO B 468 -11.22 -13.45 25.61
C PRO B 468 -9.92 -13.89 26.26
N TRP B 469 -9.06 -14.49 25.44
CA TRP B 469 -7.84 -15.10 25.98
C TRP B 469 -6.96 -14.07 26.69
N ASN B 470 -6.84 -12.86 26.14
CA ASN B 470 -5.98 -11.88 26.79
C ASN B 470 -6.54 -11.36 28.09
N LEU B 471 -7.86 -11.46 28.30
CA LEU B 471 -8.43 -11.09 29.59
C LEU B 471 -7.94 -11.98 30.72
N LYS B 472 -7.44 -13.18 30.43
CA LYS B 472 -6.87 -14.04 31.47
C LYS B 472 -5.64 -13.43 32.12
N TYR B 473 -5.10 -12.34 31.58
CA TYR B 473 -3.91 -11.70 32.11
C TYR B 473 -4.11 -10.19 32.23
N LEU B 474 -5.36 -9.77 32.45
CA LEU B 474 -5.71 -8.36 32.52
C LEU B 474 -6.61 -8.13 33.72
N LYS B 475 -6.51 -6.92 34.29
CA LYS B 475 -7.47 -6.43 35.26
C LYS B 475 -8.12 -5.20 34.65
N VAL B 476 -9.42 -5.28 34.40
CA VAL B 476 -10.18 -4.26 33.69
C VAL B 476 -11.31 -3.80 34.59
N ARG B 477 -11.55 -2.48 34.61
CA ARG B 477 -12.60 -1.95 35.48
C ARG B 477 -13.95 -2.49 35.06
N GLU B 478 -14.35 -2.26 33.82
CA GLU B 478 -15.65 -2.70 33.31
C GLU B 478 -15.44 -3.65 32.14
N VAL B 479 -16.00 -4.86 32.26
CA VAL B 479 -16.00 -5.85 31.20
C VAL B 479 -17.45 -6.17 30.87
N LYS B 480 -17.83 -5.96 29.60
CA LYS B 480 -19.18 -6.24 29.14
C LYS B 480 -19.11 -7.00 27.82
N TYR B 481 -20.24 -7.57 27.44
CA TYR B 481 -20.38 -8.31 26.20
C TYR B 481 -21.63 -7.82 25.48
N GLU B 482 -21.48 -7.52 24.19
CA GLU B 482 -22.61 -7.14 23.35
C GLU B 482 -22.99 -8.33 22.47
N VAL B 483 -24.25 -8.72 22.50
CA VAL B 483 -24.75 -9.88 21.77
C VAL B 483 -25.76 -9.40 20.73
N TRP B 484 -25.53 -9.75 19.47
CA TRP B 484 -26.42 -9.40 18.37
C TRP B 484 -27.21 -10.63 17.95
N LEU B 485 -28.53 -10.51 17.92
CA LEU B 485 -29.43 -11.59 17.53
C LEU B 485 -30.09 -11.23 16.21
N GLN B 486 -29.88 -12.05 15.19
CA GLN B 486 -30.53 -11.88 13.90
C GLN B 486 -31.21 -13.17 13.50
N GLU B 487 -32.50 -13.08 13.16
CA GLU B 487 -33.19 -14.22 12.57
C GLU B 487 -32.67 -14.45 11.16
N GLN B 488 -32.32 -15.70 10.86
CA GLN B 488 -31.75 -16.00 9.55
C GLN B 488 -32.73 -15.65 8.45
N GLY B 489 -32.24 -14.96 7.42
CA GLY B 489 -33.04 -14.48 6.33
C GLY B 489 -33.50 -13.03 6.49
N GLU B 490 -33.71 -12.59 7.72
CA GLU B 490 -34.11 -11.21 7.97
C GLU B 490 -32.90 -10.28 7.87
N ASN B 491 -33.17 -9.01 7.61
CA ASN B 491 -32.14 -8.00 7.46
C ASN B 491 -32.01 -7.10 8.68
N THR B 492 -32.64 -7.46 9.79
CA THR B 492 -32.61 -6.68 11.02
C THR B 492 -31.91 -7.48 12.12
N TYR B 493 -31.55 -6.76 13.19
CA TYR B 493 -30.94 -7.40 14.35
C TYR B 493 -31.22 -6.56 15.58
N VAL B 494 -31.13 -7.19 16.74
CA VAL B 494 -31.29 -6.49 18.01
C VAL B 494 -30.07 -6.78 18.89
N PRO B 495 -29.44 -5.76 19.47
CA PRO B 495 -28.27 -5.99 20.31
C PRO B 495 -28.59 -5.96 21.80
N TYR B 496 -27.82 -6.70 22.59
CA TYR B 496 -27.99 -6.73 24.03
C TYR B 496 -26.64 -6.54 24.71
N MET B 497 -26.56 -5.59 25.62
CA MET B 497 -25.35 -5.34 26.41
C MET B 497 -25.48 -6.11 27.72
N LEU B 498 -24.53 -6.99 28.01
CA LEU B 498 -24.63 -7.90 29.14
C LEU B 498 -23.35 -7.88 29.96
N ALA B 499 -23.49 -8.19 31.24
CA ALA B 499 -22.35 -8.29 32.14
C ALA B 499 -21.89 -9.72 32.38
N LEU B 500 -22.79 -10.69 32.26
CA LEU B 500 -22.43 -12.08 32.47
C LEU B 500 -21.95 -12.71 31.17
N GLN B 501 -21.26 -13.85 31.31
CA GLN B 501 -20.78 -14.62 30.17
C GLN B 501 -21.81 -15.60 29.63
N ASN B 502 -23.08 -15.41 29.99
CA ASN B 502 -24.15 -16.30 29.58
C ASN B 502 -25.47 -15.57 29.73
N HIS B 503 -26.45 -15.95 28.89
CA HIS B 503 -27.75 -15.31 28.92
C HIS B 503 -28.77 -16.23 28.28
N THR B 504 -30.01 -16.11 28.72
CA THR B 504 -31.13 -16.86 28.15
C THR B 504 -32.14 -15.87 27.59
N PHE B 505 -32.28 -15.87 26.26
CA PHE B 505 -33.24 -14.99 25.62
C PHE B 505 -34.60 -15.66 25.59
N THR B 506 -35.64 -14.87 25.84
CA THR B 506 -36.99 -15.41 25.93
C THR B 506 -37.95 -14.67 25.02
N GLU B 507 -38.13 -13.37 25.27
CA GLU B 507 -39.15 -12.61 24.55
C GLU B 507 -38.76 -12.43 23.08
N ASN B 508 -39.76 -12.48 22.21
CA ASN B 508 -39.65 -12.30 20.77
C ASN B 508 -38.81 -13.38 20.09
N ILE B 509 -38.54 -14.48 20.79
CA ILE B 509 -37.80 -15.61 20.21
C ILE B 509 -38.81 -16.54 19.56
N LYS B 510 -38.78 -16.62 18.23
CA LYS B 510 -39.71 -17.48 17.51
C LYS B 510 -39.24 -18.93 17.58
N PRO B 511 -40.14 -19.88 17.77
CA PRO B 511 -39.75 -21.30 17.71
C PRO B 511 -39.49 -21.74 16.28
N PHE B 512 -38.70 -22.80 16.15
CA PHE B 512 -38.49 -23.49 14.87
C PHE B 512 -37.84 -22.58 13.84
N THR B 513 -36.95 -21.71 14.30
CA THR B 513 -36.22 -20.78 13.44
C THR B 513 -34.72 -20.98 13.65
N THR B 514 -33.93 -20.36 12.78
CA THR B 514 -32.48 -20.33 12.92
C THR B 514 -32.08 -18.91 13.23
N TYR B 515 -31.35 -18.72 14.34
CA TYR B 515 -30.88 -17.41 14.76
C TYR B 515 -29.36 -17.34 14.62
N LEU B 516 -28.88 -16.19 14.14
CA LEU B 516 -27.45 -15.92 14.04
C LEU B 516 -27.05 -15.04 15.21
N VAL B 517 -26.03 -15.47 15.95
CA VAL B 517 -25.62 -14.84 17.19
C VAL B 517 -24.19 -14.34 17.04
N TRP B 518 -23.99 -13.04 17.21
CA TRP B 518 -22.67 -12.44 17.21
C TRP B 518 -22.35 -11.92 18.61
N ILE B 519 -21.11 -12.15 19.06
CA ILE B 519 -20.68 -11.78 20.40
C ILE B 519 -19.35 -11.04 20.30
N ARG B 520 -19.25 -9.91 20.99
CA ARG B 520 -17.97 -9.23 21.17
C ARG B 520 -17.88 -8.70 22.59
N CYS B 521 -16.66 -8.59 23.07
CA CYS B 521 -16.37 -8.07 24.40
C CYS B 521 -15.96 -6.61 24.29
N ILE B 522 -16.31 -5.82 25.31
CA ILE B 522 -16.06 -4.39 25.32
C ILE B 522 -15.41 -4.01 26.65
N PHE B 523 -14.30 -3.27 26.57
CA PHE B 523 -13.58 -2.82 27.75
C PHE B 523 -13.95 -1.37 28.02
N ASN B 524 -14.47 -1.10 29.22
CA ASN B 524 -14.69 0.27 29.71
C ASN B 524 -15.52 1.09 28.72
N LYS B 525 -16.59 0.47 28.21
CA LYS B 525 -17.60 1.10 27.37
C LYS B 525 -17.11 1.37 25.94
N THR B 526 -15.91 1.95 25.79
CA THR B 526 -15.50 2.50 24.51
C THR B 526 -14.43 1.69 23.79
N LEU B 527 -13.92 0.61 24.38
CA LEU B 527 -12.89 -0.21 23.73
C LEU B 527 -13.58 -1.47 23.18
N LEU B 528 -14.10 -1.35 21.96
CA LEU B 528 -14.88 -2.42 21.33
C LEU B 528 -13.96 -3.47 20.73
N GLY B 529 -14.13 -4.72 21.16
CA GLY B 529 -13.35 -5.81 20.62
C GLY B 529 -13.98 -6.45 19.41
N PRO B 530 -13.26 -7.36 18.76
CA PRO B 530 -13.78 -8.02 17.56
C PRO B 530 -14.87 -9.03 17.88
N PHE B 531 -15.73 -9.26 16.90
CA PHE B 531 -16.72 -10.33 16.99
C PHE B 531 -16.04 -11.68 16.79
N ALA B 532 -16.54 -12.70 17.48
CA ALA B 532 -16.11 -14.06 17.22
C ALA B 532 -16.82 -14.58 15.96
N ASP B 533 -16.49 -15.80 15.56
CA ASP B 533 -17.20 -16.44 14.47
C ASP B 533 -18.68 -16.53 14.81
N VAL B 534 -19.52 -16.33 13.79
CA VAL B 534 -20.97 -16.29 14.02
C VAL B 534 -21.44 -17.59 14.64
N LEU B 535 -22.38 -17.49 15.56
CA LEU B 535 -23.01 -18.65 16.18
C LEU B 535 -24.34 -18.90 15.48
N VAL B 536 -24.46 -20.06 14.83
CA VAL B 536 -25.71 -20.47 14.21
C VAL B 536 -26.51 -21.24 15.24
N CYS B 537 -27.70 -20.76 15.57
CA CYS B 537 -28.52 -21.35 16.61
C CYS B 537 -29.91 -21.61 16.05
N SER B 538 -30.30 -22.87 16.07
CA SER B 538 -31.63 -23.28 15.64
C SER B 538 -32.49 -23.53 16.87
N THR B 539 -33.75 -23.13 16.80
CA THR B 539 -34.66 -23.20 17.92
C THR B 539 -35.88 -24.04 17.52
#